data_6RRK
#
_entry.id   6RRK
#
_cell.length_a   74.333
_cell.length_b   86.290
_cell.length_c   118.585
_cell.angle_alpha   90.00
_cell.angle_beta   95.36
_cell.angle_gamma   90.00
#
_symmetry.space_group_name_H-M   'P 1 21 1'
#
loop_
_entity.id
_entity.type
_entity.pdbx_description
1 polymer 'Cohesin subunit SA-1'
2 polymer 'Double-strand-break repair protein rad21 homolog'
#
loop_
_entity_poly.entity_id
_entity_poly.type
_entity_poly.pdbx_seq_one_letter_code
_entity_poly.pdbx_strand_id
1 'polypeptide(L)'
;SMSPNGNLIRMLVLFFLESELHEHAAYLVDSLWESSQELLKDWECMTELLLEEPVQGEEAMSDRQESALIELMVCTIRQA
AEAHPPVGRGTGKRVLTAKERKTQIDDRNKLTEHFIITLPMLLSKYSADAEKVANLLQIPQYFDLEIYSTGRMEKHLDAL
LKQIKFVVEKHVESDVLEACSKTYSILCSEEYTIQNRVDIARSQLIDEFVDRFNHSVEDLLQEGEEADDDDIYNVLSTLK
RLTSFHNAHDLTKWDLFGNCYRLLKTGIEHGAMPEQIVVQALQCSHYSILWQLVKITDGSPSKEDLLVLRKTVKSFLAVC
QQCLSNVNTPVKEQAFMLLCDLLMIFSHQLMTGGREGLQPLVFNPDTGLQSELLSFVMDHVFIDQDEENQSMEGDEEDEA
NKIEALHKRRNLLAAFSKLIIYDIVDMHAAADIFKHYMKYYNDYGDIIKETLSKTRQID
;
B,A
2 'polypeptide(L)' PTKKLMMWKETGGVEKLFSLPAQPLWNNRLLKLFTRCLTP C,D
#
# COMPACT_ATOMS: atom_id res chain seq x y z
N SER A 1 -14.58 -29.00 33.63
CA SER A 1 -16.04 -28.89 33.74
C SER A 1 -16.74 -29.69 32.63
N MET A 2 -17.14 -29.00 31.56
CA MET A 2 -17.99 -29.63 30.56
C MET A 2 -17.22 -30.66 29.74
N SER A 3 -16.05 -30.29 29.24
CA SER A 3 -15.33 -31.11 28.26
C SER A 3 -14.70 -32.33 28.93
N PRO A 4 -14.84 -33.53 28.34
CA PRO A 4 -14.26 -34.72 28.99
C PRO A 4 -12.75 -34.78 28.86
N ASN A 5 -12.19 -34.21 27.79
CA ASN A 5 -10.77 -34.30 27.45
C ASN A 5 -9.85 -33.72 28.52
N GLY A 6 -10.40 -33.33 29.68
CA GLY A 6 -9.59 -32.76 30.74
C GLY A 6 -8.44 -33.64 31.17
N ASN A 7 -8.62 -34.96 31.08
CA ASN A 7 -7.54 -35.89 31.41
C ASN A 7 -6.53 -35.99 30.27
N LEU A 8 -7.00 -35.97 29.02
CA LEU A 8 -6.10 -36.03 27.87
C LEU A 8 -5.17 -34.81 27.84
N ILE A 9 -5.73 -33.62 28.03
CA ILE A 9 -4.92 -32.40 27.92
C ILE A 9 -4.00 -32.25 29.12
N ARG A 10 -4.49 -32.57 30.32
CA ARG A 10 -3.65 -32.47 31.51
C ARG A 10 -2.41 -33.36 31.41
N MET A 11 -2.45 -34.38 30.56
CA MET A 11 -1.31 -35.26 30.36
C MET A 11 -0.52 -34.92 29.11
N LEU A 12 -1.10 -34.15 28.18
CA LEU A 12 -0.29 -33.59 27.09
C LEU A 12 0.67 -32.55 27.62
N VAL A 13 0.23 -31.72 28.56
CA VAL A 13 1.15 -30.81 29.24
C VAL A 13 2.25 -31.60 29.92
N LEU A 14 1.90 -32.73 30.54
CA LEU A 14 2.91 -33.55 31.21
C LEU A 14 3.88 -34.17 30.20
N PHE A 15 3.37 -34.72 29.10
CA PHE A 15 4.24 -35.32 28.09
C PHE A 15 5.19 -34.29 27.49
N PHE A 16 4.79 -33.01 27.49
CA PHE A 16 5.65 -31.96 26.97
C PHE A 16 6.70 -31.52 28.00
N LEU A 17 6.31 -31.47 29.27
CA LEU A 17 7.24 -31.07 30.32
C LEU A 17 8.34 -32.11 30.50
N GLU A 18 7.95 -33.35 30.77
CA GLU A 18 8.81 -34.44 31.19
C GLU A 18 9.67 -35.00 30.06
N SER A 19 9.61 -34.38 28.87
CA SER A 19 10.42 -34.78 27.74
C SER A 19 11.42 -33.72 27.36
N GLU A 20 11.38 -32.56 28.03
CA GLU A 20 12.41 -31.53 28.08
C GLU A 20 12.64 -30.82 26.74
N LEU A 21 11.85 -31.10 25.71
CA LEU A 21 11.93 -30.29 24.50
C LEU A 21 11.26 -28.95 24.78
N HIS A 22 11.81 -28.19 25.73
CA HIS A 22 11.17 -26.96 26.19
C HIS A 22 11.02 -25.94 25.08
N GLU A 23 11.94 -25.93 24.12
CA GLU A 23 11.90 -24.99 23.02
C GLU A 23 11.24 -25.59 21.78
N HIS A 24 10.50 -26.69 21.95
CA HIS A 24 9.76 -27.33 20.86
C HIS A 24 8.26 -27.31 21.11
N ALA A 25 7.76 -26.31 21.85
CA ALA A 25 6.32 -26.25 22.12
C ALA A 25 5.53 -26.09 20.83
N ALA A 26 5.88 -25.06 20.03
CA ALA A 26 5.20 -24.87 18.76
C ALA A 26 5.49 -26.02 17.80
N TYR A 27 6.63 -26.69 17.98
CA TYR A 27 6.96 -27.84 17.14
C TYR A 27 6.13 -29.05 17.53
N LEU A 28 5.91 -29.24 18.84
CA LEU A 28 5.12 -30.38 19.30
C LEU A 28 3.68 -30.28 18.81
N VAL A 29 3.10 -29.07 18.85
CA VAL A 29 1.73 -28.90 18.39
C VAL A 29 1.62 -29.21 16.91
N ASP A 30 2.58 -28.72 16.10
CA ASP A 30 2.55 -29.01 14.68
C ASP A 30 2.72 -30.50 14.40
N SER A 31 3.45 -31.21 15.25
CA SER A 31 3.69 -32.63 15.00
C SER A 31 2.40 -33.44 15.10
N LEU A 32 1.64 -33.20 16.16
CA LEU A 32 0.39 -33.91 16.36
C LEU A 32 -0.80 -33.10 15.86
N TRP A 33 -0.60 -32.32 14.79
CA TRP A 33 -1.71 -31.53 14.29
C TRP A 33 -2.50 -32.26 13.20
N GLU A 34 -1.86 -33.17 12.47
CA GLU A 34 -2.57 -33.89 11.42
C GLU A 34 -3.51 -34.93 12.00
N SER A 35 -3.12 -35.58 13.09
CA SER A 35 -3.89 -36.65 13.70
C SER A 35 -4.73 -36.18 14.89
N SER A 36 -4.16 -35.35 15.76
CA SER A 36 -4.83 -34.91 16.98
C SER A 36 -5.32 -33.47 16.88
N GLN A 37 -5.82 -33.09 15.69
CA GLN A 37 -6.28 -31.72 15.49
C GLN A 37 -7.48 -31.39 16.36
N GLU A 38 -8.46 -32.30 16.45
CA GLU A 38 -9.69 -32.03 17.17
C GLU A 38 -9.45 -31.84 18.67
N LEU A 39 -8.51 -32.59 19.24
CA LEU A 39 -8.21 -32.44 20.66
C LEU A 39 -7.55 -31.10 20.95
N LEU A 40 -6.63 -30.69 20.08
CA LEU A 40 -5.85 -29.47 20.31
C LEU A 40 -6.66 -28.20 20.12
N LYS A 41 -7.84 -28.28 19.52
CA LYS A 41 -8.71 -27.11 19.34
C LYS A 41 -9.76 -26.99 20.42
N ASP A 42 -9.77 -27.89 21.41
CA ASP A 42 -10.74 -27.84 22.49
C ASP A 42 -10.30 -26.79 23.51
N TRP A 43 -10.34 -25.53 23.09
CA TRP A 43 -9.95 -24.44 23.97
C TRP A 43 -10.90 -24.27 25.14
N GLU A 44 -12.15 -24.70 25.00
CA GLU A 44 -13.06 -24.73 26.14
C GLU A 44 -12.49 -25.57 27.27
N CYS A 45 -11.95 -26.74 26.93
CA CYS A 45 -11.32 -27.59 27.93
C CYS A 45 -10.11 -26.90 28.56
N MET A 46 -9.26 -26.27 27.73
CA MET A 46 -8.04 -25.65 28.22
C MET A 46 -8.35 -24.50 29.19
N THR A 47 -9.32 -23.65 28.84
CA THR A 47 -9.69 -22.56 29.74
C THR A 47 -10.29 -23.09 31.03
N GLU A 48 -11.03 -24.21 30.95
CA GLU A 48 -11.62 -24.79 32.16
C GLU A 48 -10.55 -25.24 33.14
N LEU A 49 -9.45 -25.81 32.63
CA LEU A 49 -8.37 -26.25 33.51
C LEU A 49 -7.72 -25.07 34.23
N LEU A 50 -7.52 -23.96 33.52
CA LEU A 50 -6.84 -22.82 34.12
C LEU A 50 -7.75 -22.06 35.07
N LEU A 51 -9.03 -21.95 34.75
CA LEU A 51 -9.94 -21.08 35.47
C LEU A 51 -10.77 -21.78 36.53
N GLU A 52 -11.14 -23.04 36.31
CA GLU A 52 -12.08 -23.74 37.17
C GLU A 52 -11.34 -24.58 38.22
N GLU A 53 -12.04 -24.83 39.32
CA GLU A 53 -11.51 -25.66 40.39
C GLU A 53 -11.36 -27.11 39.91
N PRO A 54 -10.41 -27.86 40.46
CA PRO A 54 -10.23 -29.25 40.05
C PRO A 54 -11.15 -30.24 40.75
N VAL A 55 -12.06 -29.75 41.61
CA VAL A 55 -13.08 -30.57 42.27
C VAL A 55 -12.43 -31.51 43.30
N GLN A 56 -13.11 -31.69 44.44
CA GLN A 56 -12.60 -32.59 45.47
C GLN A 56 -12.33 -33.97 44.93
N GLY A 57 -11.28 -34.61 45.46
CA GLY A 57 -10.84 -35.90 44.98
C GLY A 57 -9.70 -35.84 43.99
N GLU A 58 -9.51 -34.73 43.31
CA GLU A 58 -8.45 -34.54 42.35
C GLU A 58 -7.39 -33.60 42.89
N GLU A 59 -6.18 -33.72 42.34
CA GLU A 59 -5.04 -32.90 42.74
C GLU A 59 -4.90 -31.73 41.79
N ALA A 60 -4.56 -30.57 42.34
CA ALA A 60 -4.49 -29.34 41.55
C ALA A 60 -3.23 -29.34 40.68
N MET A 61 -3.18 -28.38 39.76
CA MET A 61 -2.04 -28.21 38.88
C MET A 61 -0.98 -27.35 39.54
N SER A 62 0.28 -27.64 39.22
CA SER A 62 1.40 -26.87 39.72
C SER A 62 1.53 -25.57 38.93
N ASP A 63 2.31 -24.64 39.49
CA ASP A 63 2.53 -23.36 38.82
C ASP A 63 3.17 -23.56 37.45
N ARG A 64 4.15 -24.46 37.35
CA ARG A 64 4.81 -24.69 36.07
C ARG A 64 3.89 -25.39 35.08
N GLN A 65 3.09 -26.36 35.56
CA GLN A 65 2.18 -27.05 34.65
C GLN A 65 1.13 -26.12 34.09
N GLU A 66 0.76 -25.08 34.84
CA GLU A 66 -0.17 -24.09 34.32
C GLU A 66 0.50 -23.18 33.30
N SER A 67 1.80 -22.91 33.45
CA SER A 67 2.50 -22.10 32.47
C SER A 67 2.72 -22.86 31.17
N ALA A 68 2.89 -24.19 31.25
CA ALA A 68 3.08 -24.98 30.05
C ALA A 68 1.79 -25.09 29.25
N LEU A 69 0.65 -25.18 29.95
CA LEU A 69 -0.64 -25.26 29.27
C LEU A 69 -0.91 -23.98 28.47
N ILE A 70 -0.64 -22.82 29.06
CA ILE A 70 -0.82 -21.55 28.35
C ILE A 70 0.05 -21.52 27.11
N GLU A 71 1.34 -21.87 27.27
CA GLU A 71 2.25 -21.88 26.13
C GLU A 71 1.77 -22.81 25.03
N LEU A 72 1.29 -24.01 25.40
CA LEU A 72 0.73 -24.91 24.40
C LEU A 72 -0.57 -24.38 23.82
N MET A 73 -1.38 -23.72 24.67
CA MET A 73 -2.67 -23.22 24.21
C MET A 73 -2.50 -22.17 23.12
N VAL A 74 -1.60 -21.20 23.34
CA VAL A 74 -1.41 -20.13 22.36
C VAL A 74 -0.84 -20.67 21.06
N CYS A 75 -0.04 -21.75 21.12
CA CYS A 75 0.46 -22.36 19.89
C CYS A 75 -0.68 -22.98 19.09
N THR A 76 -1.63 -23.62 19.78
CA THR A 76 -2.81 -24.15 19.10
C THR A 76 -3.64 -23.04 18.47
N ILE A 77 -3.76 -21.91 19.15
CA ILE A 77 -4.44 -20.76 18.56
C ILE A 77 -3.72 -20.29 17.29
N ARG A 78 -2.39 -20.26 17.34
CA ARG A 78 -1.62 -19.85 16.16
C ARG A 78 -1.82 -20.83 15.01
N GLN A 79 -1.62 -22.12 15.27
CA GLN A 79 -1.71 -23.12 14.21
C GLN A 79 -3.10 -23.16 13.60
N ALA A 80 -4.13 -22.90 14.40
CA ALA A 80 -5.50 -22.95 13.89
C ALA A 80 -5.81 -21.77 12.99
N ALA A 81 -5.44 -20.56 13.44
CA ALA A 81 -5.78 -19.35 12.68
C ALA A 81 -4.89 -19.20 11.45
N GLU A 82 -3.57 -19.36 11.61
CA GLU A 82 -2.66 -19.15 10.49
C GLU A 82 -2.69 -20.30 9.50
N ALA A 83 -3.03 -21.50 9.95
CA ALA A 83 -3.17 -22.68 9.08
C ALA A 83 -1.87 -23.06 8.38
N HIS A 84 -0.74 -22.80 9.02
CA HIS A 84 0.55 -23.23 8.52
C HIS A 84 1.48 -23.52 9.69
N PRO A 85 2.45 -24.41 9.52
CA PRO A 85 3.37 -24.74 10.63
C PRO A 85 4.16 -23.52 11.08
N PRO A 86 4.66 -23.52 12.32
CA PRO A 86 5.38 -22.36 12.85
C PRO A 86 6.76 -22.20 12.26
N VAL A 87 7.48 -21.17 12.69
CA VAL A 87 8.83 -20.93 12.21
C VAL A 87 9.73 -22.07 12.67
N GLY A 88 10.33 -22.77 11.71
CA GLY A 88 11.19 -23.91 12.03
C GLY A 88 10.80 -25.15 11.26
N ARG A 89 9.51 -25.26 10.92
CA ARG A 89 9.00 -26.39 10.15
C ARG A 89 8.33 -25.90 8.87
N GLY A 90 9.00 -25.02 8.14
CA GLY A 90 8.46 -24.47 6.91
C GLY A 90 8.30 -25.48 5.80
N VAL A 95 0.10 -24.37 -0.05
CA VAL A 95 -1.16 -23.64 -0.10
C VAL A 95 -2.27 -24.52 0.46
N LEU A 96 -3.40 -23.91 0.80
CA LEU A 96 -4.53 -24.61 1.39
C LEU A 96 -5.50 -25.08 0.31
N THR A 97 -6.27 -26.10 0.64
CA THR A 97 -7.29 -26.64 -0.24
C THR A 97 -8.61 -25.92 -0.01
N ALA A 98 -9.73 -26.54 -0.41
CA ALA A 98 -11.04 -25.94 -0.22
C ALA A 98 -11.57 -26.17 1.19
N LYS A 99 -11.62 -27.44 1.62
CA LYS A 99 -12.08 -27.76 2.97
C LYS A 99 -11.21 -27.09 4.02
N GLU A 100 -9.89 -27.15 3.85
CA GLU A 100 -8.97 -26.52 4.79
C GLU A 100 -9.25 -25.03 4.90
N ARG A 101 -9.56 -24.37 3.78
CA ARG A 101 -9.84 -22.94 3.80
C ARG A 101 -11.12 -22.63 4.57
N LYS A 102 -12.13 -23.49 4.44
CA LYS A 102 -13.36 -23.29 5.20
C LYS A 102 -13.14 -23.52 6.68
N THR A 103 -12.40 -24.58 7.04
CA THR A 103 -12.14 -24.87 8.45
C THR A 103 -11.41 -23.72 9.12
N GLN A 104 -10.50 -23.05 8.39
CA GLN A 104 -9.77 -21.92 8.94
C GLN A 104 -10.72 -20.81 9.39
N ILE A 105 -11.80 -20.58 8.62
CA ILE A 105 -12.74 -19.53 8.97
C ILE A 105 -13.50 -19.89 10.24
N ASP A 106 -14.00 -21.13 10.31
CA ASP A 106 -14.73 -21.57 11.50
C ASP A 106 -13.83 -21.59 12.73
N ASP A 107 -12.56 -21.97 12.55
CA ASP A 107 -11.64 -21.99 13.69
C ASP A 107 -11.39 -20.58 14.20
N ARG A 108 -11.27 -19.60 13.30
CA ARG A 108 -11.12 -18.22 13.75
C ARG A 108 -12.36 -17.75 14.49
N ASN A 109 -13.55 -18.16 14.03
CA ASN A 109 -14.78 -17.79 14.72
C ASN A 109 -14.85 -18.46 16.09
N LYS A 110 -14.51 -19.75 16.16
CA LYS A 110 -14.57 -20.46 17.43
C LYS A 110 -13.59 -19.87 18.45
N LEU A 111 -12.34 -19.64 18.02
CA LEU A 111 -11.32 -19.15 18.95
C LEU A 111 -11.60 -17.72 19.37
N THR A 112 -12.11 -16.89 18.45
CA THR A 112 -12.44 -15.51 18.80
C THR A 112 -13.57 -15.49 19.82
N GLU A 113 -14.71 -16.08 19.46
CA GLU A 113 -15.90 -16.06 20.30
C GLU A 113 -15.63 -16.64 21.69
N HIS A 114 -14.78 -17.65 21.76
CA HIS A 114 -14.43 -18.23 23.06
C HIS A 114 -13.56 -17.27 23.87
N PHE A 115 -12.52 -16.72 23.24
CA PHE A 115 -11.54 -15.94 23.99
C PHE A 115 -11.93 -14.47 24.13
N ILE A 116 -12.91 -13.98 23.38
CA ILE A 116 -13.45 -12.65 23.68
C ILE A 116 -13.93 -12.62 25.13
N ILE A 117 -14.54 -13.71 25.60
CA ILE A 117 -15.13 -13.79 26.93
C ILE A 117 -14.11 -14.23 27.97
N THR A 118 -13.30 -15.24 27.66
CA THR A 118 -12.46 -15.89 28.66
C THR A 118 -11.08 -15.25 28.82
N LEU A 119 -10.58 -14.54 27.81
CA LEU A 119 -9.26 -13.93 27.95
C LEU A 119 -9.17 -12.96 29.13
N PRO A 120 -10.13 -12.05 29.35
CA PRO A 120 -10.03 -11.20 30.54
C PRO A 120 -10.06 -11.97 31.84
N MET A 121 -10.73 -13.13 31.87
CA MET A 121 -10.72 -13.96 33.07
C MET A 121 -9.36 -14.59 33.28
N LEU A 122 -8.74 -15.09 32.22
CA LEU A 122 -7.39 -15.64 32.31
C LEU A 122 -6.40 -14.59 32.79
N LEU A 123 -6.45 -13.40 32.19
CA LEU A 123 -5.56 -12.31 32.61
C LEU A 123 -5.77 -11.95 34.06
N SER A 124 -7.02 -12.02 34.54
CA SER A 124 -7.30 -11.61 35.91
C SER A 124 -6.77 -12.61 36.93
N LYS A 125 -6.94 -13.90 36.65
CA LYS A 125 -6.47 -14.91 37.60
C LYS A 125 -4.95 -14.92 37.68
N TYR A 126 -4.28 -14.72 36.55
CA TYR A 126 -2.82 -14.80 36.51
C TYR A 126 -2.22 -13.43 36.20
N SER A 127 -2.68 -12.39 36.91
CA SER A 127 -2.19 -11.04 36.63
C SER A 127 -0.81 -10.80 37.23
N ALA A 128 -0.46 -11.49 38.32
CA ALA A 128 0.81 -11.31 39.00
C ALA A 128 1.91 -12.22 38.48
N ASP A 129 1.76 -12.78 37.28
CA ASP A 129 2.74 -13.68 36.70
C ASP A 129 3.20 -13.07 35.38
N ALA A 130 4.46 -12.64 35.32
CA ALA A 130 4.98 -11.98 34.12
C ALA A 130 5.06 -12.95 32.95
N GLU A 131 5.58 -14.16 33.19
CA GLU A 131 5.73 -15.15 32.13
C GLU A 131 4.38 -15.48 31.50
N LYS A 132 3.38 -15.79 32.34
CA LYS A 132 2.09 -16.23 31.83
C LYS A 132 1.39 -15.11 31.04
N VAL A 133 1.34 -13.90 31.60
CA VAL A 133 0.66 -12.79 30.95
C VAL A 133 1.24 -12.55 29.56
N ALA A 134 2.57 -12.52 29.45
CA ALA A 134 3.21 -12.26 28.16
C ALA A 134 2.77 -13.27 27.11
N ASN A 135 2.42 -14.49 27.52
CA ASN A 135 1.90 -15.47 26.60
C ASN A 135 0.42 -15.24 26.32
N LEU A 136 -0.35 -14.83 27.34
CA LEU A 136 -1.78 -14.64 27.17
C LEU A 136 -2.09 -13.45 26.27
N LEU A 137 -1.19 -12.47 26.23
CA LEU A 137 -1.41 -11.28 25.40
C LEU A 137 -1.07 -11.52 23.94
N GLN A 138 -0.61 -12.72 23.58
CA GLN A 138 -0.32 -13.06 22.20
C GLN A 138 -1.54 -13.54 21.44
N ILE A 139 -2.72 -13.56 22.07
CA ILE A 139 -3.93 -14.14 21.47
C ILE A 139 -4.71 -13.12 20.63
N PRO A 140 -4.93 -11.86 21.09
CA PRO A 140 -5.75 -10.92 20.29
C PRO A 140 -5.33 -10.71 18.84
N GLN A 141 -4.06 -10.96 18.51
CA GLN A 141 -3.63 -10.79 17.13
C GLN A 141 -4.40 -11.70 16.17
N TYR A 142 -4.77 -12.90 16.62
CA TYR A 142 -5.48 -13.85 15.78
C TYR A 142 -6.99 -13.67 15.84
N PHE A 143 -7.50 -12.67 16.56
CA PHE A 143 -8.92 -12.45 16.63
C PHE A 143 -9.46 -11.90 15.31
N ASP A 144 -10.75 -12.13 15.07
CA ASP A 144 -11.50 -11.43 14.04
C ASP A 144 -12.22 -10.28 14.75
N LEU A 145 -11.62 -9.09 14.70
CA LEU A 145 -12.10 -7.97 15.51
C LEU A 145 -13.46 -7.43 15.08
N GLU A 146 -14.07 -7.96 14.03
CA GLU A 146 -15.43 -7.54 13.69
C GLU A 146 -16.44 -8.08 14.69
N ILE A 147 -16.18 -9.28 15.24
CA ILE A 147 -17.13 -9.94 16.14
C ILE A 147 -17.37 -9.12 17.39
N TYR A 148 -16.43 -8.27 17.78
CA TYR A 148 -16.65 -7.37 18.92
C TYR A 148 -17.87 -6.50 18.71
N SER A 149 -18.20 -6.19 17.46
CA SER A 149 -19.38 -5.39 17.14
C SER A 149 -20.49 -6.17 16.46
N THR A 150 -20.14 -7.18 15.65
CA THR A 150 -21.16 -8.03 15.04
C THR A 150 -22.01 -8.70 16.11
N GLY A 151 -21.37 -9.37 17.06
CA GLY A 151 -22.05 -9.98 18.18
C GLY A 151 -22.44 -9.06 19.29
N ARG A 152 -22.24 -7.74 19.13
CA ARG A 152 -22.56 -6.76 20.15
C ARG A 152 -21.90 -7.12 21.48
N MET A 153 -20.65 -7.58 21.40
CA MET A 153 -19.88 -8.00 22.57
C MET A 153 -18.91 -6.94 23.05
N GLU A 154 -19.22 -5.66 22.81
CA GLU A 154 -18.39 -4.57 23.32
C GLU A 154 -18.31 -4.57 24.84
N LYS A 155 -19.26 -5.23 25.52
CA LYS A 155 -19.18 -5.35 26.97
C LYS A 155 -17.91 -6.05 27.41
N HIS A 156 -17.43 -7.01 26.61
CA HIS A 156 -16.22 -7.76 26.96
C HIS A 156 -14.94 -7.07 26.48
N LEU A 157 -15.04 -6.19 25.49
CA LEU A 157 -13.87 -5.40 25.08
C LEU A 157 -13.40 -4.51 26.22
N ASP A 158 -14.33 -3.87 26.94
CA ASP A 158 -13.95 -3.02 28.05
C ASP A 158 -13.32 -3.84 29.17
N ALA A 159 -13.83 -5.06 29.40
CA ALA A 159 -13.21 -5.94 30.39
C ALA A 159 -11.77 -6.28 30.02
N LEU A 160 -11.50 -6.45 28.72
CA LEU A 160 -10.14 -6.73 28.28
C LEU A 160 -9.24 -5.52 28.47
N LEU A 161 -9.68 -4.36 27.97
CA LEU A 161 -8.89 -3.14 28.13
C LEU A 161 -8.70 -2.78 29.60
N LYS A 162 -9.67 -3.14 30.44
CA LYS A 162 -9.53 -2.92 31.88
C LYS A 162 -8.44 -3.82 32.46
N GLN A 163 -8.34 -5.07 31.99
CA GLN A 163 -7.32 -5.96 32.49
C GLN A 163 -5.96 -5.66 31.90
N ILE A 164 -5.90 -5.20 30.64
CA ILE A 164 -4.63 -4.77 30.07
C ILE A 164 -4.07 -3.61 30.89
N LYS A 165 -4.91 -2.64 31.21
CA LYS A 165 -4.49 -1.53 32.07
C LYS A 165 -4.06 -2.03 33.45
N PHE A 166 -4.66 -3.12 33.92
CA PHE A 166 -4.26 -3.69 35.21
C PHE A 166 -2.88 -4.31 35.14
N VAL A 167 -2.57 -4.98 34.03
CA VAL A 167 -1.27 -5.62 33.89
C VAL A 167 -0.16 -4.57 33.82
N VAL A 168 -0.42 -3.46 33.12
CA VAL A 168 0.62 -2.46 32.92
C VAL A 168 1.03 -1.81 34.24
N GLU A 169 0.06 -1.41 35.05
CA GLU A 169 0.38 -0.60 36.23
C GLU A 169 1.09 -1.37 37.34
N LYS A 170 1.10 -2.69 37.30
CA LYS A 170 1.73 -3.48 38.35
C LYS A 170 2.88 -4.34 37.84
N HIS A 171 3.38 -4.05 36.64
CA HIS A 171 4.48 -4.81 36.06
C HIS A 171 5.45 -3.88 35.36
N VAL A 172 6.74 -4.14 35.53
CA VAL A 172 7.80 -3.37 34.90
C VAL A 172 8.69 -4.22 34.01
N GLU A 173 8.42 -5.53 33.90
CA GLU A 173 9.21 -6.39 33.04
C GLU A 173 9.17 -5.89 31.60
N SER A 174 10.31 -5.96 30.93
CA SER A 174 10.40 -5.42 29.57
C SER A 174 9.59 -6.26 28.59
N ASP A 175 9.47 -7.57 28.83
CA ASP A 175 8.71 -8.42 27.92
C ASP A 175 7.21 -8.22 28.08
N VAL A 176 6.74 -8.04 29.32
CA VAL A 176 5.32 -7.82 29.56
C VAL A 176 4.87 -6.51 28.93
N LEU A 177 5.63 -5.43 29.17
CA LEU A 177 5.29 -4.14 28.57
C LEU A 177 5.30 -4.22 27.05
N GLU A 178 6.17 -5.03 26.47
CA GLU A 178 6.19 -5.21 25.03
C GLU A 178 4.88 -5.81 24.53
N ALA A 179 4.37 -6.82 25.23
CA ALA A 179 3.13 -7.48 24.81
C ALA A 179 1.94 -6.53 24.92
N CYS A 180 1.88 -5.72 25.99
CA CYS A 180 0.79 -4.76 26.13
C CYS A 180 0.80 -3.75 24.99
N SER A 181 1.98 -3.19 24.68
CA SER A 181 2.06 -2.16 23.66
C SER A 181 1.66 -2.72 22.29
N LYS A 182 2.04 -3.96 21.99
CA LYS A 182 1.66 -4.54 20.71
C LYS A 182 0.17 -4.85 20.65
N THR A 183 -0.43 -5.22 21.78
CA THR A 183 -1.86 -5.54 21.79
C THR A 183 -2.71 -4.29 21.53
N TYR A 184 -2.39 -3.19 22.22
CA TYR A 184 -3.14 -1.95 22.02
C TYR A 184 -3.05 -1.47 20.57
N SER A 185 -1.95 -1.78 19.88
CA SER A 185 -1.86 -1.42 18.47
C SER A 185 -2.74 -2.31 17.62
N ILE A 186 -2.93 -3.57 18.01
CA ILE A 186 -3.82 -4.47 17.28
C ILE A 186 -5.27 -4.07 17.49
N LEU A 187 -5.62 -3.67 18.72
CA LEU A 187 -6.99 -3.24 19.00
C LEU A 187 -7.32 -1.91 18.33
N CYS A 188 -6.29 -1.12 17.97
CA CYS A 188 -6.46 0.09 17.19
C CYS A 188 -6.18 -0.16 15.71
N SER A 189 -6.44 -1.37 15.23
CA SER A 189 -6.12 -1.78 13.86
C SER A 189 -6.72 -0.88 12.79
N GLU A 190 -7.52 0.13 13.16
CA GLU A 190 -8.11 1.07 12.20
C GLU A 190 -9.00 0.35 11.19
N GLU A 191 -9.41 -0.88 11.49
CA GLU A 191 -10.23 -1.65 10.57
C GLU A 191 -11.57 -0.96 10.32
N TYR A 192 -12.38 -0.84 11.38
CA TYR A 192 -13.68 -0.20 11.24
C TYR A 192 -14.32 0.10 12.59
N THR A 193 -14.91 -0.92 13.22
CA THR A 193 -15.93 -0.70 14.24
C THR A 193 -15.34 -0.24 15.58
N ILE A 194 -14.39 -0.99 16.13
CA ILE A 194 -13.93 -0.74 17.50
C ILE A 194 -12.81 0.28 17.57
N GLN A 195 -12.43 0.90 16.45
CA GLN A 195 -11.33 1.85 16.46
C GLN A 195 -11.58 2.97 17.46
N ASN A 196 -12.82 3.45 17.56
CA ASN A 196 -13.12 4.58 18.43
C ASN A 196 -13.03 4.21 19.90
N ARG A 197 -13.63 3.08 20.28
CA ARG A 197 -13.70 2.72 21.70
C ARG A 197 -12.32 2.50 22.30
N VAL A 198 -11.40 1.93 21.53
CA VAL A 198 -10.08 1.62 22.07
C VAL A 198 -9.27 2.90 22.30
N ASP A 199 -9.43 3.89 21.42
CA ASP A 199 -8.67 5.13 21.55
C ASP A 199 -8.92 5.81 22.90
N ILE A 200 -10.20 5.95 23.27
CA ILE A 200 -10.52 6.55 24.56
C ILE A 200 -9.83 5.77 25.69
N ALA A 201 -9.84 4.44 25.60
CA ALA A 201 -9.18 3.63 26.61
C ALA A 201 -7.67 3.81 26.56
N ARG A 202 -7.11 4.01 25.36
CA ARG A 202 -5.66 4.23 25.24
C ARG A 202 -5.25 5.58 25.83
N SER A 203 -5.97 6.64 25.46
CA SER A 203 -5.63 7.97 25.96
C SER A 203 -5.78 8.06 27.48
N GLN A 204 -6.75 7.32 28.05
CA GLN A 204 -6.86 7.27 29.51
C GLN A 204 -5.61 6.69 30.14
N LEU A 205 -5.08 5.61 29.57
CA LEU A 205 -3.91 4.97 30.15
C LEU A 205 -2.66 5.83 30.00
N ILE A 206 -2.53 6.53 28.88
CA ILE A 206 -1.36 7.38 28.66
C ILE A 206 -1.41 8.57 29.59
N ASP A 207 -2.59 9.21 29.70
CA ASP A 207 -2.71 10.40 30.55
C ASP A 207 -2.37 10.08 32.00
N GLU A 208 -2.83 8.93 32.51
CA GLU A 208 -2.60 8.60 33.91
C GLU A 208 -1.12 8.33 34.21
N PHE A 209 -0.30 8.08 33.20
CA PHE A 209 1.13 7.85 33.41
C PHE A 209 2.01 9.02 32.98
N VAL A 210 1.54 9.86 32.05
CA VAL A 210 2.26 11.09 31.76
C VAL A 210 2.29 11.99 33.00
N ASP A 211 1.18 12.03 33.73
CA ASP A 211 1.15 12.78 34.99
C ASP A 211 2.04 12.12 36.04
N ARG A 212 1.87 10.81 36.25
CA ARG A 212 2.69 10.10 37.24
C ARG A 212 4.15 10.06 36.86
N PHE A 213 4.52 10.47 35.64
CA PHE A 213 5.92 10.57 35.24
C PHE A 213 6.46 11.99 35.36
N ASN A 214 5.70 12.98 34.90
CA ASN A 214 6.15 14.37 35.01
C ASN A 214 6.25 14.80 36.47
N HIS A 215 5.22 14.49 37.27
CA HIS A 215 5.24 14.86 38.67
C HIS A 215 6.22 14.02 39.48
N SER A 216 6.62 12.86 38.96
CA SER A 216 7.64 12.05 39.63
C SER A 216 9.05 12.58 39.35
N VAL A 217 9.24 13.26 38.22
CA VAL A 217 10.56 13.82 37.91
C VAL A 217 10.84 15.02 38.81
N GLU A 218 9.80 15.79 39.17
CA GLU A 218 9.99 16.95 40.01
C GLU A 218 10.46 16.58 41.42
N ASP A 219 10.16 15.36 41.86
CA ASP A 219 10.63 14.88 43.15
C ASP A 219 12.06 14.35 43.10
N LEU A 220 12.54 13.96 41.92
CA LEU A 220 13.91 13.48 41.76
C LEU A 220 14.92 14.63 41.66
N LEU A 221 14.46 15.84 41.35
CA LEU A 221 15.36 16.97 41.15
C LEU A 221 15.83 17.52 42.50
N ASP A 228 16.95 10.18 46.49
CA ASP A 228 16.18 9.23 47.29
C ASP A 228 16.01 7.92 46.53
N ASP A 229 16.11 6.79 47.25
CA ASP A 229 15.99 5.48 46.61
C ASP A 229 14.58 5.24 46.09
N ASP A 230 13.56 5.68 46.82
CA ASP A 230 12.18 5.50 46.37
C ASP A 230 11.79 6.48 45.27
N ASP A 231 12.33 7.70 45.29
CA ASP A 231 12.08 8.64 44.21
C ASP A 231 12.71 8.17 42.90
N ILE A 232 13.74 7.33 42.96
CA ILE A 232 14.33 6.79 41.74
C ILE A 232 13.39 5.78 41.11
N TYR A 233 12.88 4.83 41.89
CA TYR A 233 12.00 3.80 41.34
C TYR A 233 10.72 4.39 40.78
N ASN A 234 10.25 5.51 41.33
CA ASN A 234 9.07 6.16 40.80
C ASN A 234 9.29 6.65 39.37
N VAL A 235 10.46 7.27 39.11
CA VAL A 235 10.74 7.81 37.79
C VAL A 235 11.02 6.69 36.80
N LEU A 236 11.69 5.62 37.24
CA LEU A 236 12.04 4.53 36.35
C LEU A 236 10.81 3.77 35.89
N SER A 237 9.97 3.34 36.83
CA SER A 237 8.81 2.52 36.48
C SER A 237 7.83 3.28 35.59
N THR A 238 7.56 4.55 35.91
CA THR A 238 6.61 5.32 35.11
C THR A 238 7.16 5.62 33.73
N LEU A 239 8.48 5.70 33.58
CA LEU A 239 9.07 6.01 32.28
C LEU A 239 9.27 4.76 31.42
N LYS A 240 9.60 3.63 32.03
CA LYS A 240 9.79 2.40 31.26
C LYS A 240 8.50 2.00 30.54
N ARG A 241 7.36 2.22 31.19
CA ARG A 241 6.08 1.91 30.56
C ARG A 241 5.81 2.85 29.40
N LEU A 242 6.06 4.15 29.58
CA LEU A 242 5.85 5.10 28.50
C LEU A 242 6.74 4.79 27.30
N THR A 243 7.96 4.31 27.55
CA THR A 243 8.89 4.01 26.46
C THR A 243 8.37 2.87 25.59
N SER A 244 7.92 1.78 26.23
CA SER A 244 7.40 0.65 25.45
C SER A 244 6.19 1.06 24.62
N PHE A 245 5.32 1.91 25.19
CA PHE A 245 4.14 2.35 24.44
C PHE A 245 4.51 3.37 23.37
N HIS A 246 5.50 4.23 23.65
CA HIS A 246 5.93 5.21 22.67
C HIS A 246 6.58 4.56 21.45
N ASN A 247 7.08 3.34 21.61
CA ASN A 247 7.67 2.62 20.48
C ASN A 247 6.62 2.32 19.41
N ALA A 248 5.44 1.86 19.84
CA ALA A 248 4.41 1.42 18.90
C ALA A 248 3.32 2.45 18.68
N HIS A 249 3.18 3.44 19.55
CA HIS A 249 2.10 4.42 19.45
C HIS A 249 2.67 5.83 19.41
N ASP A 250 2.11 6.64 18.50
CA ASP A 250 2.52 8.02 18.28
C ASP A 250 2.14 8.89 19.48
N LEU A 251 3.01 8.96 20.47
CA LEU A 251 2.78 9.80 21.65
C LEU A 251 3.32 11.21 21.47
N THR A 252 3.21 11.76 20.26
CA THR A 252 3.76 13.08 20.00
C THR A 252 2.87 14.19 20.53
N LYS A 253 1.56 13.93 20.62
CA LYS A 253 0.64 14.93 21.16
C LYS A 253 0.98 15.24 22.61
N TRP A 254 1.48 14.27 23.35
CA TRP A 254 2.02 14.51 24.68
C TRP A 254 3.43 15.07 24.55
N ASP A 255 3.83 15.87 25.54
CA ASP A 255 5.15 16.49 25.53
C ASP A 255 6.09 15.62 26.37
N LEU A 256 6.49 14.49 25.78
CA LEU A 256 7.36 13.54 26.46
C LEU A 256 8.84 13.86 26.28
N PHE A 257 9.21 14.56 25.21
CA PHE A 257 10.62 14.89 24.99
C PHE A 257 11.13 15.85 26.06
N GLY A 258 10.29 16.77 26.52
CA GLY A 258 10.67 17.77 27.50
C GLY A 258 11.34 17.20 28.73
N ASN A 259 10.65 16.30 29.43
CA ASN A 259 11.22 15.70 30.64
C ASN A 259 12.27 14.63 30.33
N CYS A 260 12.28 14.09 29.12
CA CYS A 260 13.31 13.12 28.76
C CYS A 260 14.65 13.80 28.56
N TYR A 261 14.65 14.96 27.88
CA TYR A 261 15.90 15.71 27.70
C TYR A 261 16.44 16.21 29.04
N ARG A 262 15.58 16.76 29.88
CA ARG A 262 16.02 17.25 31.19
C ARG A 262 16.59 16.12 32.04
N LEU A 263 16.06 14.91 31.91
CA LEU A 263 16.64 13.78 32.63
C LEU A 263 18.04 13.45 32.13
N LEU A 264 18.34 13.75 30.87
CA LEU A 264 19.66 13.49 30.29
C LEU A 264 20.60 14.68 30.46
N LYS A 265 20.09 15.91 30.34
CA LYS A 265 20.96 17.08 30.44
C LYS A 265 21.49 17.28 31.85
N THR A 266 20.87 16.67 32.86
CA THR A 266 21.39 16.71 34.22
C THR A 266 22.04 15.39 34.64
N GLY A 267 21.89 14.33 33.86
CA GLY A 267 22.60 13.09 34.10
C GLY A 267 23.95 13.09 33.41
N ILE A 268 24.14 14.00 32.47
CA ILE A 268 25.43 14.20 31.82
C ILE A 268 26.26 15.24 32.57
N GLU A 269 25.63 16.36 32.94
CA GLU A 269 26.34 17.43 33.63
C GLU A 269 26.83 16.98 35.00
N HIS A 270 26.05 16.13 35.69
CA HIS A 270 26.36 15.74 37.05
C HIS A 270 26.78 14.29 37.19
N GLY A 271 26.34 13.42 36.27
CA GLY A 271 26.64 12.00 36.39
C GLY A 271 25.97 11.30 37.56
N ALA A 272 25.01 11.95 38.21
CA ALA A 272 24.32 11.34 39.34
C ALA A 272 23.18 10.43 38.91
N MET A 273 22.87 10.37 37.62
CA MET A 273 21.76 9.59 37.13
C MET A 273 22.12 8.10 37.11
N PRO A 274 21.20 7.22 37.49
CA PRO A 274 21.46 5.78 37.41
C PRO A 274 21.39 5.29 35.97
N GLU A 275 22.06 4.16 35.74
CA GLU A 275 22.24 3.69 34.36
C GLU A 275 20.90 3.35 33.71
N GLN A 276 20.01 2.67 34.43
CA GLN A 276 18.77 2.19 33.82
C GLN A 276 17.85 3.34 33.44
N ILE A 277 17.83 4.41 34.24
CA ILE A 277 16.99 5.56 33.91
C ILE A 277 17.51 6.25 32.65
N VAL A 278 18.83 6.27 32.46
CA VAL A 278 19.40 6.88 31.26
C VAL A 278 19.06 6.04 30.03
N VAL A 279 19.07 4.71 30.17
CA VAL A 279 18.77 3.85 29.03
C VAL A 279 17.34 4.08 28.54
N GLN A 280 16.41 4.26 29.48
CA GLN A 280 15.02 4.48 29.08
C GLN A 280 14.79 5.89 28.55
N ALA A 281 15.38 6.90 29.21
CA ALA A 281 15.24 8.27 28.74
C ALA A 281 15.81 8.43 27.33
N LEU A 282 16.96 7.80 27.06
CA LEU A 282 17.51 7.82 25.71
C LEU A 282 16.61 7.09 24.74
N GLN A 283 16.08 5.93 25.16
CA GLN A 283 15.23 5.13 24.30
C GLN A 283 13.92 5.85 23.99
N CYS A 284 13.30 6.46 25.00
CA CYS A 284 12.04 7.16 24.80
C CYS A 284 12.20 8.30 23.80
N SER A 285 13.27 9.09 23.94
CA SER A 285 13.49 10.22 23.05
C SER A 285 13.75 9.77 21.62
N HIS A 286 14.33 8.59 21.43
CA HIS A 286 14.56 8.07 20.08
C HIS A 286 13.23 7.84 19.36
N TYR A 287 12.24 7.30 20.07
CA TYR A 287 10.94 7.06 19.47
C TYR A 287 10.21 8.37 19.18
N SER A 288 10.34 9.34 20.08
CA SER A 288 9.71 10.64 19.86
C SER A 288 10.21 11.29 18.58
N ILE A 289 11.53 11.27 18.36
CA ILE A 289 12.09 11.85 17.14
C ILE A 289 11.60 11.09 15.91
N LEU A 290 11.63 9.75 15.97
CA LEU A 290 11.17 8.95 14.85
C LEU A 290 9.69 9.20 14.56
N TRP A 291 8.88 9.34 15.61
CA TRP A 291 7.47 9.62 15.41
C TRP A 291 7.26 11.02 14.84
N GLN A 292 8.01 12.01 15.32
CA GLN A 292 7.91 13.35 14.75
C GLN A 292 8.30 13.35 13.28
N LEU A 293 9.23 12.47 12.88
CA LEU A 293 9.66 12.43 11.50
C LEU A 293 8.59 11.82 10.58
N VAL A 294 7.75 10.94 11.13
CA VAL A 294 6.72 10.32 10.30
C VAL A 294 5.65 11.32 9.90
N LYS A 295 5.28 12.21 10.81
CA LYS A 295 4.30 13.25 10.50
C LYS A 295 4.87 14.24 9.49
N ILE A 296 6.15 14.62 9.66
CA ILE A 296 6.79 15.53 8.71
C ILE A 296 6.92 14.87 7.34
N THR A 297 7.15 13.56 7.30
CA THR A 297 7.36 12.88 6.02
C THR A 297 6.04 12.68 5.26
N ASP A 298 4.97 12.31 5.97
CA ASP A 298 3.72 11.95 5.29
C ASP A 298 2.92 13.20 4.88
N GLY A 299 2.97 14.25 5.69
CA GLY A 299 2.25 15.46 5.38
C GLY A 299 2.97 16.33 4.36
N SER A 300 2.39 17.51 4.14
CA SER A 300 2.93 18.57 3.30
C SER A 300 3.41 19.69 4.21
N PRO A 301 4.54 19.52 4.89
CA PRO A 301 4.89 20.43 5.99
C PRO A 301 5.49 21.74 5.50
N SER A 302 5.55 22.69 6.44
CA SER A 302 6.19 23.98 6.28
C SER A 302 7.68 23.89 6.62
N LYS A 303 8.43 24.93 6.23
CA LYS A 303 9.87 24.94 6.46
C LYS A 303 10.21 25.10 7.93
N GLU A 304 9.33 25.72 8.72
CA GLU A 304 9.56 25.81 10.16
C GLU A 304 9.61 24.42 10.78
N ASP A 305 8.73 23.52 10.33
CA ASP A 305 8.67 22.18 10.90
C ASP A 305 10.00 21.45 10.74
N LEU A 306 10.63 21.56 9.57
CA LEU A 306 11.92 20.91 9.36
C LEU A 306 12.97 21.46 10.31
N LEU A 307 12.91 22.76 10.61
CA LEU A 307 13.93 23.38 11.45
C LEU A 307 13.76 22.97 12.91
N VAL A 308 12.53 22.94 13.42
CA VAL A 308 12.33 22.56 14.81
C VAL A 308 12.68 21.09 15.01
N LEU A 309 12.44 20.25 13.99
CA LEU A 309 12.90 18.88 14.06
C LEU A 309 14.40 18.80 13.83
N ARG A 310 14.95 19.67 12.98
CA ARG A 310 16.39 19.72 12.79
C ARG A 310 17.10 20.04 14.10
N LYS A 311 16.57 21.03 14.84
CA LYS A 311 17.14 21.36 16.14
C LYS A 311 17.01 20.21 17.14
N THR A 312 15.84 19.55 17.15
CA THR A 312 15.62 18.45 18.11
C THR A 312 16.53 17.26 17.83
N VAL A 313 16.71 16.92 16.55
CA VAL A 313 17.59 15.81 16.21
C VAL A 313 19.04 16.14 16.55
N LYS A 314 19.47 17.37 16.23
CA LYS A 314 20.84 17.77 16.53
C LYS A 314 21.12 17.74 18.03
N SER A 315 20.15 18.18 18.84
CA SER A 315 20.33 18.16 20.28
C SER A 315 20.51 16.73 20.80
N PHE A 316 19.70 15.80 20.31
CA PHE A 316 19.76 14.43 20.80
C PHE A 316 21.06 13.75 20.38
N LEU A 317 21.51 13.97 19.13
CA LEU A 317 22.76 13.38 18.68
C LEU A 317 23.93 13.82 19.54
N ALA A 318 23.94 15.09 19.96
CA ALA A 318 24.97 15.56 20.87
C ALA A 318 24.91 14.83 22.20
N VAL A 319 23.70 14.59 22.71
CA VAL A 319 23.53 13.88 23.97
C VAL A 319 24.01 12.44 23.86
N CYS A 320 23.77 11.81 22.71
CA CYS A 320 24.23 10.43 22.50
C CYS A 320 25.75 10.36 22.47
N GLN A 321 26.41 11.35 21.86
CA GLN A 321 27.87 11.37 21.85
C GLN A 321 28.43 11.51 23.25
N GLN A 322 27.85 12.40 24.07
CA GLN A 322 28.32 12.57 25.44
C GLN A 322 28.12 11.30 26.25
N CYS A 323 27.02 10.60 26.02
CA CYS A 323 26.74 9.36 26.73
C CYS A 323 27.70 8.23 26.36
N LEU A 324 28.45 8.38 25.26
CA LEU A 324 29.47 7.41 24.93
C LEU A 324 30.58 7.41 25.98
N SER A 325 30.77 8.54 26.67
CA SER A 325 31.78 8.66 27.72
C SER A 325 31.21 8.43 29.11
N ASN A 326 30.03 7.83 29.20
CA ASN A 326 29.45 7.51 30.49
C ASN A 326 30.20 6.35 31.13
N VAL A 327 30.21 6.32 32.46
CA VAL A 327 30.96 5.28 33.18
C VAL A 327 30.27 3.93 33.04
N ASN A 328 28.93 3.92 32.95
CA ASN A 328 28.19 2.67 32.89
C ASN A 328 28.18 2.10 31.48
N THR A 329 28.52 0.82 31.36
CA THR A 329 28.53 0.18 30.05
C THR A 329 27.15 0.13 29.39
N PRO A 330 26.06 -0.22 30.08
CA PRO A 330 24.74 -0.21 29.40
C PRO A 330 24.37 1.12 28.78
N VAL A 331 24.71 2.24 29.45
CA VAL A 331 24.45 3.54 28.84
C VAL A 331 25.31 3.74 27.61
N LYS A 332 26.59 3.35 27.68
CA LYS A 332 27.43 3.38 26.49
C LYS A 332 26.87 2.50 25.38
N GLU A 333 26.42 1.29 25.73
CA GLU A 333 25.88 0.38 24.73
C GLU A 333 24.62 0.93 24.10
N GLN A 334 23.72 1.47 24.92
CA GLN A 334 22.45 1.98 24.41
C GLN A 334 22.67 3.19 23.50
N ALA A 335 23.53 4.12 23.90
CA ALA A 335 23.76 5.33 23.11
C ALA A 335 24.40 5.02 21.76
N PHE A 336 25.13 3.91 21.66
CA PHE A 336 25.76 3.55 20.39
C PHE A 336 24.73 3.09 19.37
N MET A 337 23.80 2.22 19.77
CA MET A 337 22.84 1.67 18.82
C MET A 337 21.92 2.74 18.26
N LEU A 338 21.54 3.71 19.10
CA LEU A 338 20.68 4.79 18.62
C LEU A 338 21.40 5.66 17.60
N LEU A 339 22.71 5.88 17.80
CA LEU A 339 23.47 6.67 16.84
C LEU A 339 23.57 5.98 15.48
N CYS A 340 23.83 4.67 15.47
CA CYS A 340 23.90 3.94 14.20
C CYS A 340 22.57 3.98 13.47
N ASP A 341 21.46 3.87 14.20
CA ASP A 341 20.14 3.87 13.57
C ASP A 341 19.79 5.25 13.02
N LEU A 342 20.04 6.30 13.80
CA LEU A 342 19.70 7.65 13.36
C LEU A 342 20.54 8.07 12.16
N LEU A 343 21.84 7.75 12.18
CA LEU A 343 22.70 8.11 11.06
C LEU A 343 22.29 7.39 9.79
N MET A 344 21.66 6.22 9.92
CA MET A 344 21.17 5.51 8.75
C MET A 344 19.83 6.08 8.28
N ILE A 345 18.94 6.42 9.21
CA ILE A 345 17.65 7.00 8.84
C ILE A 345 17.84 8.41 8.29
N PHE A 346 18.67 9.21 8.93
CA PHE A 346 18.93 10.58 8.53
C PHE A 346 20.18 10.69 7.66
N SER A 347 20.28 9.86 6.63
CA SER A 347 21.41 9.83 5.72
C SER A 347 20.99 10.43 4.37
N HIS A 348 21.87 10.30 3.38
CA HIS A 348 21.52 10.73 2.03
C HIS A 348 20.41 9.86 1.43
N GLN A 349 20.22 8.64 1.95
CA GLN A 349 19.10 7.83 1.51
C GLN A 349 17.77 8.40 1.96
N LEU A 350 17.76 9.28 2.97
CA LEU A 350 16.51 9.88 3.43
C LEU A 350 15.87 10.73 2.34
N MET A 351 16.68 11.40 1.52
CA MET A 351 16.14 12.20 0.43
C MET A 351 15.73 11.37 -0.78
N THR A 352 16.20 10.13 -0.86
CA THR A 352 15.86 9.28 -2.00
C THR A 352 14.37 8.99 -2.04
N GLY A 353 13.82 8.95 -3.24
CA GLY A 353 12.41 8.74 -3.43
C GLY A 353 11.60 9.97 -3.72
N GLY A 354 12.21 11.02 -4.29
CA GLY A 354 11.52 12.25 -4.56
C GLY A 354 11.27 13.13 -3.35
N ARG A 355 11.93 12.85 -2.23
CA ARG A 355 11.77 13.64 -1.01
C ARG A 355 12.94 14.61 -0.86
N GLU A 356 13.12 15.45 -1.89
CA GLU A 356 14.19 16.44 -1.85
C GLU A 356 13.92 17.54 -0.82
N GLY A 357 12.67 17.72 -0.40
CA GLY A 357 12.36 18.70 0.60
C GLY A 357 12.77 18.31 2.00
N LEU A 358 13.80 17.46 2.11
CA LEU A 358 14.35 17.05 3.40
C LEU A 358 15.85 17.31 3.47
N GLN A 359 16.36 18.24 2.68
CA GLN A 359 17.78 18.56 2.71
C GLN A 359 18.27 18.97 4.10
N PRO A 360 17.55 19.82 4.87
CA PRO A 360 18.07 20.17 6.21
C PRO A 360 18.16 18.99 7.15
N LEU A 361 17.18 18.08 7.14
CA LEU A 361 17.14 16.98 8.09
C LEU A 361 18.30 16.01 7.92
N VAL A 362 18.99 16.03 6.78
CA VAL A 362 20.12 15.14 6.56
C VAL A 362 21.25 15.52 7.50
N PHE A 363 21.71 14.55 8.29
CA PHE A 363 22.82 14.74 9.22
C PHE A 363 23.96 13.81 8.81
N ASN A 364 25.07 14.38 8.37
CA ASN A 364 26.22 13.55 8.07
C ASN A 364 27.21 13.62 9.22
N PRO A 365 27.72 12.48 9.69
CA PRO A 365 28.61 12.50 10.86
C PRO A 365 29.98 13.05 10.49
N ASP A 366 30.49 13.94 11.33
CA ASP A 366 31.85 14.44 11.16
C ASP A 366 32.85 13.35 11.54
N THR A 367 34.10 13.54 11.09
CA THR A 367 35.14 12.56 11.36
C THR A 367 35.43 12.43 12.85
N GLY A 368 35.08 13.43 13.65
CA GLY A 368 35.24 13.30 15.09
C GLY A 368 34.28 12.28 15.69
N LEU A 369 33.04 12.24 15.19
CA LEU A 369 32.07 11.26 15.65
C LEU A 369 32.32 9.90 15.04
N GLN A 370 32.67 9.85 13.75
CA GLN A 370 33.01 8.58 13.12
C GLN A 370 34.15 7.88 13.86
N SER A 371 35.07 8.65 14.43
CA SER A 371 36.16 8.06 15.20
C SER A 371 35.65 7.48 16.52
N GLU A 372 34.69 8.17 17.16
CA GLU A 372 34.15 7.67 18.42
C GLU A 372 33.35 6.39 18.23
N LEU A 373 32.62 6.28 17.11
CA LEU A 373 31.88 5.05 16.83
C LEU A 373 32.83 3.88 16.61
N LEU A 374 33.87 4.09 15.79
CA LEU A 374 34.85 3.03 15.56
C LEU A 374 35.60 2.70 16.85
N SER A 375 35.85 3.71 17.69
CA SER A 375 36.53 3.47 18.97
C SER A 375 35.66 2.65 19.92
N PHE A 376 34.33 2.78 19.82
CA PHE A 376 33.44 2.00 20.67
C PHE A 376 33.50 0.52 20.29
N VAL A 377 33.63 0.23 18.99
CA VAL A 377 33.75 -1.15 18.53
C VAL A 377 35.02 -1.79 19.08
N MET A 378 36.04 -0.98 19.39
CA MET A 378 37.31 -1.52 19.84
C MET A 378 37.26 -1.99 21.29
N ASP A 379 36.45 -1.35 22.13
CA ASP A 379 36.41 -1.66 23.56
C ASP A 379 35.30 -2.63 23.95
N HIS A 380 34.25 -2.77 23.15
CA HIS A 380 33.09 -3.56 23.53
C HIS A 380 32.77 -4.69 22.57
N VAL A 381 33.38 -4.73 21.39
CA VAL A 381 33.19 -5.81 20.44
C VAL A 381 34.42 -6.70 20.35
N PHE A 382 35.59 -6.10 20.18
CA PHE A 382 36.86 -6.85 20.10
C PHE A 382 37.52 -6.85 21.46
N ILE A 383 37.26 -7.88 22.25
CA ILE A 383 37.81 -8.04 23.58
C ILE A 383 38.35 -9.47 23.73
N ASP A 384 38.89 -9.76 24.91
CA ASP A 384 39.52 -11.05 25.16
C ASP A 384 38.48 -12.17 25.25
N GLU A 399 27.05 -20.85 31.27
CA GLU A 399 27.19 -20.83 29.83
C GLU A 399 26.06 -20.04 29.20
N ALA A 400 25.03 -19.76 30.00
CA ALA A 400 23.89 -19.00 29.49
C ALA A 400 24.23 -17.53 29.24
N ASN A 401 25.22 -16.99 29.96
CA ASN A 401 25.59 -15.59 29.80
C ASN A 401 26.62 -15.32 28.71
N LYS A 402 27.44 -16.30 28.34
CA LYS A 402 28.37 -16.07 27.24
C LYS A 402 27.68 -16.18 25.88
N ILE A 403 26.66 -17.04 25.77
CA ILE A 403 25.86 -17.06 24.55
C ILE A 403 24.91 -15.86 24.53
N GLU A 404 24.53 -15.35 25.71
CA GLU A 404 23.76 -14.11 25.78
C GLU A 404 24.58 -12.92 25.28
N ALA A 405 25.84 -12.83 25.73
CA ALA A 405 26.68 -11.70 25.35
C ALA A 405 27.18 -11.80 23.92
N LEU A 406 27.30 -13.02 23.38
CA LEU A 406 27.79 -13.17 22.01
C LEU A 406 26.85 -12.51 21.02
N HIS A 407 25.54 -12.69 21.19
CA HIS A 407 24.58 -11.98 20.34
C HIS A 407 24.57 -10.49 20.63
N LYS A 408 24.78 -10.10 21.89
CA LYS A 408 24.89 -8.69 22.23
C LYS A 408 26.00 -8.01 21.43
N ARG A 409 27.15 -8.66 21.30
CA ARG A 409 28.26 -8.06 20.58
C ARG A 409 28.07 -8.11 19.06
N ARG A 410 27.46 -9.19 18.56
CA ARG A 410 27.25 -9.29 17.12
C ARG A 410 26.29 -8.23 16.61
N ASN A 411 25.31 -7.85 17.42
CA ASN A 411 24.38 -6.79 17.01
C ASN A 411 25.09 -5.45 16.92
N LEU A 412 26.01 -5.16 17.85
CA LEU A 412 26.75 -3.90 17.82
C LEU A 412 27.64 -3.80 16.59
N LEU A 413 28.34 -4.88 16.25
CA LEU A 413 29.22 -4.86 15.07
C LEU A 413 28.42 -4.69 13.79
N ALA A 414 27.28 -5.39 13.67
CA ALA A 414 26.46 -5.28 12.48
C ALA A 414 25.89 -3.87 12.32
N ALA A 415 25.62 -3.19 13.44
CA ALA A 415 25.12 -1.82 13.35
C ALA A 415 26.17 -0.88 12.79
N PHE A 416 27.43 -1.06 13.18
CA PHE A 416 28.50 -0.24 12.62
C PHE A 416 28.82 -0.64 11.18
N SER A 417 28.74 -1.94 10.88
CA SER A 417 28.99 -2.40 9.52
C SER A 417 28.00 -1.81 8.53
N LYS A 418 26.77 -1.52 8.98
CA LYS A 418 25.81 -0.86 8.12
C LYS A 418 26.30 0.53 7.70
N LEU A 419 26.85 1.29 8.64
CA LEU A 419 27.34 2.62 8.32
C LEU A 419 28.48 2.58 7.31
N ILE A 420 29.31 1.54 7.37
CA ILE A 420 30.44 1.44 6.44
C ILE A 420 29.95 1.15 5.02
N ILE A 421 29.00 0.22 4.89
CA ILE A 421 28.57 -0.23 3.57
C ILE A 421 27.88 0.89 2.80
N TYR A 422 27.13 1.75 3.48
CA TYR A 422 26.36 2.79 2.82
C TYR A 422 27.07 4.13 2.79
N ASP A 423 28.39 4.13 2.95
CA ASP A 423 29.20 5.35 2.83
C ASP A 423 28.72 6.44 3.78
N ILE A 424 28.47 6.07 5.03
CA ILE A 424 28.03 7.04 6.03
C ILE A 424 29.24 7.42 6.86
N VAL A 425 30.16 6.48 7.07
CA VAL A 425 31.43 6.73 7.71
C VAL A 425 32.53 6.36 6.72
N ASP A 426 33.71 6.95 6.90
CA ASP A 426 34.83 6.58 6.05
C ASP A 426 35.21 5.13 6.32
N MET A 427 35.39 4.36 5.24
CA MET A 427 35.59 2.92 5.35
C MET A 427 37.05 2.49 5.42
N HIS A 428 37.99 3.38 5.07
CA HIS A 428 39.37 2.94 4.95
C HIS A 428 40.01 2.59 6.30
N ALA A 429 39.65 3.29 7.37
CA ALA A 429 40.19 2.89 8.66
C ALA A 429 39.50 1.64 9.19
N ALA A 430 38.16 1.60 9.09
CA ALA A 430 37.41 0.45 9.59
C ALA A 430 37.71 -0.83 8.84
N ALA A 431 37.88 -0.75 7.51
CA ALA A 431 38.15 -1.94 6.72
C ALA A 431 39.46 -2.59 7.15
N ASP A 432 40.50 -1.78 7.30
CA ASP A 432 41.80 -2.32 7.69
C ASP A 432 41.78 -2.88 9.10
N ILE A 433 41.04 -2.25 10.01
CA ILE A 433 40.96 -2.75 11.38
C ILE A 433 40.22 -4.08 11.44
N PHE A 434 39.14 -4.22 10.68
CA PHE A 434 38.41 -5.49 10.70
C PHE A 434 39.29 -6.62 10.18
N LYS A 435 40.11 -6.35 9.17
CA LYS A 435 41.02 -7.37 8.66
C LYS A 435 42.05 -7.81 9.68
N HIS A 436 42.37 -6.96 10.66
CA HIS A 436 43.34 -7.29 11.70
C HIS A 436 42.74 -8.06 12.85
N TYR A 437 41.41 -8.01 13.02
CA TYR A 437 40.75 -8.67 14.14
C TYR A 437 40.04 -9.95 13.74
N MET A 438 40.27 -10.44 12.52
CA MET A 438 39.58 -11.64 12.05
C MET A 438 40.02 -12.92 12.78
N LYS A 439 40.78 -12.77 13.87
CA LYS A 439 41.23 -13.89 14.70
C LYS A 439 40.21 -14.27 15.77
N TYR A 440 38.91 -14.10 15.50
CA TYR A 440 37.87 -14.34 16.50
C TYR A 440 37.04 -15.59 16.24
N TYR A 441 37.52 -16.49 15.38
CA TYR A 441 36.93 -17.82 15.20
C TYR A 441 35.43 -17.76 14.90
N ASN A 442 35.10 -17.20 13.74
CA ASN A 442 33.72 -17.09 13.28
C ASN A 442 32.78 -16.32 14.21
N ASP A 443 33.29 -15.82 15.34
CA ASP A 443 32.43 -15.05 16.24
C ASP A 443 31.83 -13.88 15.47
N TYR A 444 32.68 -13.22 14.70
CA TYR A 444 32.28 -12.14 13.82
C TYR A 444 32.65 -12.45 12.38
N GLY A 445 33.07 -13.69 12.10
CA GLY A 445 33.61 -14.01 10.79
C GLY A 445 32.59 -13.79 9.67
N ASP A 446 31.36 -14.28 9.87
CA ASP A 446 30.34 -14.12 8.86
C ASP A 446 29.96 -12.65 8.68
N ILE A 447 29.91 -11.90 9.79
CA ILE A 447 29.61 -10.48 9.72
C ILE A 447 30.73 -9.73 9.01
N ILE A 448 31.99 -10.02 9.36
CA ILE A 448 33.12 -9.30 8.81
C ILE A 448 33.30 -9.62 7.33
N LYS A 449 33.16 -10.90 6.95
CA LYS A 449 33.32 -11.27 5.55
C LYS A 449 32.30 -10.57 4.67
N GLU A 450 31.09 -10.34 5.19
CA GLU A 450 30.06 -9.67 4.40
C GLU A 450 30.39 -8.20 4.20
N THR A 451 30.82 -7.51 5.26
CA THR A 451 31.13 -6.09 5.14
C THR A 451 32.37 -5.84 4.28
N LEU A 452 33.36 -6.72 4.36
CA LEU A 452 34.56 -6.56 3.53
C LEU A 452 34.24 -6.78 2.06
N SER A 453 33.30 -7.69 1.75
CA SER A 453 32.97 -7.99 0.36
C SER A 453 32.28 -6.82 -0.32
N LYS A 454 31.41 -6.12 0.40
CA LYS A 454 30.59 -5.07 -0.19
C LYS A 454 31.37 -3.78 -0.42
N THR A 455 32.69 -3.90 -0.59
CA THR A 455 33.54 -2.75 -0.88
C THR A 455 34.25 -2.90 -2.22
N SER B 1 -43.14 15.38 -13.46
CA SER B 1 -44.19 14.85 -12.61
C SER B 1 -44.37 15.72 -11.39
N MET B 2 -43.81 15.23 -10.29
CA MET B 2 -44.04 15.82 -8.98
C MET B 2 -43.34 17.17 -8.83
N SER B 3 -42.07 17.25 -9.23
CA SER B 3 -41.23 18.38 -8.82
C SER B 3 -41.65 19.67 -9.53
N PRO B 4 -41.83 20.77 -8.80
CA PRO B 4 -42.28 22.03 -9.41
C PRO B 4 -41.20 22.79 -10.16
N ASN B 5 -39.94 22.63 -9.73
CA ASN B 5 -38.83 23.44 -10.23
C ASN B 5 -38.64 23.36 -11.74
N GLY B 6 -39.13 22.31 -12.39
CA GLY B 6 -38.98 22.08 -13.83
C GLY B 6 -38.83 23.29 -14.72
N ASN B 7 -39.45 24.42 -14.37
CA ASN B 7 -39.24 25.63 -15.15
C ASN B 7 -37.91 26.29 -14.81
N LEU B 8 -37.53 26.29 -13.54
CA LEU B 8 -36.25 26.85 -13.14
C LEU B 8 -35.10 26.13 -13.83
N ILE B 9 -35.14 24.79 -13.83
CA ILE B 9 -34.04 24.02 -14.40
C ILE B 9 -34.07 24.09 -15.92
N ARG B 10 -35.26 24.01 -16.53
CA ARG B 10 -35.36 24.11 -17.98
C ARG B 10 -34.87 25.46 -18.49
N MET B 11 -34.84 26.49 -17.64
CA MET B 11 -34.36 27.80 -18.04
C MET B 11 -32.90 28.00 -17.66
N LEU B 12 -32.39 27.23 -16.70
CA LEU B 12 -30.95 27.21 -16.45
C LEU B 12 -30.22 26.51 -17.60
N VAL B 13 -30.82 25.45 -18.14
CA VAL B 13 -30.27 24.81 -19.33
C VAL B 13 -30.16 25.81 -20.48
N LEU B 14 -31.15 26.68 -20.63
CA LEU B 14 -31.09 27.69 -21.69
C LEU B 14 -29.95 28.68 -21.45
N PHE B 15 -29.79 29.13 -20.20
CA PHE B 15 -28.74 30.09 -19.88
C PHE B 15 -27.35 29.51 -20.15
N PHE B 16 -27.19 28.20 -20.03
CA PHE B 16 -25.91 27.58 -20.33
C PHE B 16 -25.75 27.36 -21.83
N LEU B 17 -26.82 26.91 -22.48
CA LEU B 17 -26.77 26.66 -23.92
C LEU B 17 -26.70 27.96 -24.71
N GLU B 18 -27.69 28.83 -24.55
CA GLU B 18 -27.88 29.97 -25.43
C GLU B 18 -26.94 31.14 -25.17
N SER B 19 -26.08 31.07 -24.16
CA SER B 19 -25.16 32.16 -23.87
C SER B 19 -23.71 31.71 -23.88
N GLU B 20 -22.84 32.60 -24.36
CA GLU B 20 -21.40 32.50 -24.13
C GLU B 20 -21.01 32.99 -22.73
N LEU B 21 -22.01 33.18 -21.85
CA LEU B 21 -21.74 33.53 -20.46
C LEU B 21 -21.01 32.43 -19.71
N HIS B 22 -21.14 31.18 -20.18
CA HIS B 22 -20.56 30.02 -19.51
C HIS B 22 -20.61 28.79 -20.41
N GLU B 23 -19.52 28.54 -21.14
CA GLU B 23 -19.41 27.34 -21.97
C GLU B 23 -18.68 26.21 -21.29
N HIS B 24 -18.50 26.29 -19.97
CA HIS B 24 -17.98 25.18 -19.18
C HIS B 24 -19.05 24.77 -18.18
N ALA B 25 -19.53 23.53 -18.30
CA ALA B 25 -20.60 23.06 -17.43
C ALA B 25 -20.18 23.07 -15.97
N ALA B 26 -19.03 22.45 -15.66
CA ALA B 26 -18.61 22.35 -14.26
C ALA B 26 -18.36 23.71 -13.64
N TYR B 27 -17.99 24.71 -14.44
CA TYR B 27 -17.78 26.04 -13.88
C TYR B 27 -19.10 26.72 -13.55
N LEU B 28 -20.12 26.55 -14.40
CA LEU B 28 -21.41 27.16 -14.12
C LEU B 28 -22.05 26.58 -12.88
N VAL B 29 -21.97 25.25 -12.71
CA VAL B 29 -22.54 24.60 -11.53
C VAL B 29 -21.82 25.08 -10.27
N ASP B 30 -20.49 25.15 -10.32
CA ASP B 30 -19.73 25.65 -9.17
C ASP B 30 -20.06 27.12 -8.89
N SER B 31 -20.38 27.88 -9.95
CA SER B 31 -20.67 29.30 -9.78
C SER B 31 -21.92 29.54 -8.95
N LEU B 32 -23.00 28.82 -9.27
CA LEU B 32 -24.28 28.99 -8.60
C LEU B 32 -24.46 28.06 -7.41
N TRP B 33 -23.38 27.51 -6.87
CA TRP B 33 -23.52 26.47 -5.85
C TRP B 33 -23.72 27.04 -4.45
N GLU B 34 -23.24 28.25 -4.18
CA GLU B 34 -23.37 28.78 -2.82
C GLU B 34 -24.79 29.23 -2.54
N SER B 35 -25.48 29.78 -3.54
CA SER B 35 -26.83 30.30 -3.36
C SER B 35 -27.92 29.34 -3.82
N SER B 36 -27.73 28.68 -4.96
CA SER B 36 -28.73 27.78 -5.53
C SER B 36 -28.37 26.32 -5.33
N GLN B 37 -27.82 25.99 -4.16
CA GLN B 37 -27.44 24.61 -3.90
C GLN B 37 -28.65 23.69 -3.87
N GLU B 38 -29.73 24.14 -3.21
CA GLU B 38 -30.90 23.29 -3.05
C GLU B 38 -31.57 23.03 -4.40
N LEU B 39 -31.56 24.02 -5.31
CA LEU B 39 -32.16 23.81 -6.62
C LEU B 39 -31.35 22.81 -7.45
N LEU B 40 -30.02 22.89 -7.39
CA LEU B 40 -29.18 22.03 -8.20
C LEU B 40 -29.13 20.59 -7.72
N LYS B 41 -29.60 20.31 -6.50
CA LYS B 41 -29.65 18.96 -5.97
C LYS B 41 -31.00 18.30 -6.17
N ASP B 42 -31.94 18.98 -6.82
CA ASP B 42 -33.26 18.41 -7.10
C ASP B 42 -33.14 17.50 -8.33
N TRP B 43 -32.42 16.38 -8.13
CA TRP B 43 -32.22 15.44 -9.21
C TRP B 43 -33.52 14.75 -9.61
N GLU B 44 -34.48 14.66 -8.68
CA GLU B 44 -35.80 14.18 -9.03
C GLU B 44 -36.41 15.04 -10.14
N CYS B 45 -36.30 16.36 -10.01
CA CYS B 45 -36.78 17.26 -11.05
C CYS B 45 -36.05 17.02 -12.37
N MET B 46 -34.72 16.88 -12.31
CA MET B 46 -33.94 16.67 -13.54
C MET B 46 -34.31 15.35 -14.20
N THR B 47 -34.48 14.29 -13.42
CA THR B 47 -34.86 12.99 -13.98
C THR B 47 -36.26 13.06 -14.59
N GLU B 48 -37.17 13.80 -13.95
CA GLU B 48 -38.53 13.90 -14.47
C GLU B 48 -38.56 14.61 -15.81
N LEU B 49 -37.70 15.62 -15.99
CA LEU B 49 -37.69 16.36 -17.25
C LEU B 49 -37.23 15.48 -18.41
N LEU B 50 -36.22 14.64 -18.18
CA LEU B 50 -35.70 13.80 -19.26
C LEU B 50 -36.61 12.62 -19.57
N LEU B 51 -37.24 12.05 -18.54
CA LEU B 51 -37.95 10.78 -18.69
C LEU B 51 -39.46 10.92 -18.89
N GLU B 52 -40.09 11.93 -18.29
CA GLU B 52 -41.55 11.99 -18.29
C GLU B 52 -42.08 12.80 -19.46
N GLU B 53 -43.28 12.45 -19.90
CA GLU B 53 -43.96 13.17 -20.97
C GLU B 53 -44.38 14.56 -20.49
N PRO B 54 -44.40 15.56 -21.39
CA PRO B 54 -44.89 16.88 -20.98
C PRO B 54 -46.41 17.00 -21.08
N GLU B 59 -44.52 21.91 -24.36
CA GLU B 59 -43.67 21.55 -25.49
C GLU B 59 -42.41 20.82 -25.01
N ALA B 60 -42.00 19.82 -25.78
CA ALA B 60 -40.90 18.96 -25.38
C ALA B 60 -39.55 19.67 -25.54
N MET B 61 -38.51 19.05 -25.00
CA MET B 61 -37.15 19.55 -25.06
C MET B 61 -36.48 19.10 -26.34
N SER B 62 -35.56 19.94 -26.84
CA SER B 62 -34.80 19.61 -28.02
C SER B 62 -33.67 18.64 -27.67
N ASP B 63 -33.09 18.04 -28.71
CA ASP B 63 -31.99 17.09 -28.50
C ASP B 63 -30.82 17.76 -27.79
N ARG B 64 -30.47 18.99 -28.20
CA ARG B 64 -29.35 19.68 -27.56
C ARG B 64 -29.70 20.09 -26.14
N GLN B 65 -30.93 20.55 -25.91
CA GLN B 65 -31.35 20.92 -24.56
C GLN B 65 -31.40 19.70 -23.64
N GLU B 66 -31.67 18.52 -24.20
CA GLU B 66 -31.62 17.30 -23.38
C GLU B 66 -30.19 16.89 -23.10
N SER B 67 -29.26 17.16 -24.03
CA SER B 67 -27.86 16.85 -23.79
C SER B 67 -27.24 17.81 -22.78
N ALA B 68 -27.69 19.07 -22.76
CA ALA B 68 -27.15 20.03 -21.81
C ALA B 68 -27.63 19.74 -20.41
N LEU B 69 -28.88 19.29 -20.26
CA LEU B 69 -29.40 18.95 -18.94
C LEU B 69 -28.63 17.79 -18.33
N ILE B 70 -28.35 16.75 -19.13
CA ILE B 70 -27.55 15.63 -18.65
C ILE B 70 -26.17 16.11 -18.21
N GLU B 71 -25.51 16.88 -19.07
CA GLU B 71 -24.18 17.39 -18.75
C GLU B 71 -24.20 18.22 -17.47
N LEU B 72 -25.20 19.09 -17.32
CA LEU B 72 -25.31 19.85 -16.08
C LEU B 72 -25.64 18.95 -14.91
N MET B 73 -26.46 17.92 -15.15
CA MET B 73 -26.87 17.03 -14.07
C MET B 73 -25.68 16.28 -13.49
N VAL B 74 -24.83 15.72 -14.35
CA VAL B 74 -23.69 14.95 -13.85
C VAL B 74 -22.71 15.87 -13.12
N CYS B 75 -22.63 17.13 -13.51
CA CYS B 75 -21.79 18.08 -12.79
C CYS B 75 -22.34 18.35 -11.39
N THR B 76 -23.66 18.47 -11.25
CA THR B 76 -24.26 18.63 -9.93
C THR B 76 -24.02 17.41 -9.06
N ILE B 77 -24.06 16.21 -9.66
CA ILE B 77 -23.74 15.00 -8.91
C ILE B 77 -22.30 15.02 -8.44
N ARG B 78 -21.39 15.49 -9.30
CA ARG B 78 -19.97 15.56 -8.94
C ARG B 78 -19.74 16.50 -7.76
N GLN B 79 -20.23 17.73 -7.87
CA GLN B 79 -20.01 18.73 -6.82
C GLN B 79 -20.59 18.27 -5.49
N ALA B 80 -21.71 17.55 -5.53
CA ALA B 80 -22.36 17.12 -4.29
C ALA B 80 -21.57 16.02 -3.60
N ALA B 81 -21.10 15.03 -4.36
CA ALA B 81 -20.40 13.90 -3.77
C ALA B 81 -19.00 14.29 -3.31
N GLU B 82 -18.23 14.95 -4.17
CA GLU B 82 -16.85 15.29 -3.85
C GLU B 82 -16.76 16.46 -2.87
N ALA B 83 -17.76 17.33 -2.86
CA ALA B 83 -17.86 18.45 -1.92
C ALA B 83 -16.71 19.44 -2.06
N HIS B 84 -16.19 19.59 -3.27
CA HIS B 84 -15.18 20.61 -3.56
C HIS B 84 -15.35 21.06 -5.01
N PRO B 85 -14.95 22.29 -5.32
CA PRO B 85 -15.05 22.77 -6.71
C PRO B 85 -14.20 21.93 -7.64
N PRO B 86 -14.50 21.92 -8.93
CA PRO B 86 -13.76 21.03 -9.85
C PRO B 86 -12.35 21.52 -10.12
N VAL B 87 -11.60 20.77 -10.93
CA VAL B 87 -10.22 21.13 -11.25
C VAL B 87 -10.23 22.42 -12.07
N GLY B 88 -9.57 23.45 -11.55
CA GLY B 88 -9.50 24.73 -12.23
C GLY B 88 -9.93 25.88 -11.35
N ARG B 89 -10.82 25.59 -10.40
CA ARG B 89 -11.31 26.60 -9.48
C ARG B 89 -11.11 26.25 -8.01
N GLY B 90 -10.87 24.99 -7.67
CA GLY B 90 -10.71 24.62 -6.28
C GLY B 90 -9.43 25.19 -5.67
N THR B 91 -9.49 25.38 -4.35
CA THR B 91 -8.35 25.91 -3.60
C THR B 91 -8.11 25.11 -2.32
N ARG B 94 -7.94 23.13 2.20
CA ARG B 94 -9.39 22.97 2.12
C ARG B 94 -9.86 21.82 3.01
N VAL B 95 -10.45 22.17 4.15
CA VAL B 95 -11.04 21.18 5.04
C VAL B 95 -12.54 21.43 5.11
N LEU B 96 -13.27 20.42 5.58
CA LEU B 96 -14.71 20.51 5.68
C LEU B 96 -15.13 20.99 7.06
N THR B 97 -16.31 21.59 7.13
CA THR B 97 -16.87 22.06 8.39
C THR B 97 -17.67 20.94 9.03
N ALA B 98 -18.56 21.27 9.96
CA ALA B 98 -19.40 20.24 10.57
C ALA B 98 -20.61 19.93 9.71
N LYS B 99 -21.42 20.95 9.41
CA LYS B 99 -22.57 20.75 8.53
C LYS B 99 -22.13 20.33 7.13
N GLU B 100 -21.09 20.98 6.59
CA GLU B 100 -20.61 20.63 5.27
C GLU B 100 -20.23 19.16 5.17
N ARG B 101 -19.57 18.63 6.21
CA ARG B 101 -19.23 17.21 6.20
C ARG B 101 -20.47 16.34 6.33
N LYS B 102 -21.43 16.76 7.14
CA LYS B 102 -22.67 16.01 7.30
C LYS B 102 -23.53 16.07 6.03
N THR B 103 -23.64 17.25 5.42
CA THR B 103 -24.45 17.41 4.23
C THR B 103 -23.96 16.49 3.11
N GLN B 104 -22.64 16.29 3.01
CA GLN B 104 -22.10 15.41 1.98
C GLN B 104 -22.66 13.99 2.11
N ILE B 105 -22.85 13.51 3.34
CA ILE B 105 -23.36 12.16 3.54
C ILE B 105 -24.81 12.06 3.08
N ASP B 106 -25.65 13.01 3.48
CA ASP B 106 -27.05 12.99 3.08
C ASP B 106 -27.20 13.14 1.56
N ASP B 107 -26.34 13.95 0.95
CA ASP B 107 -26.39 14.12 -0.51
C ASP B 107 -26.01 12.84 -1.23
N ARG B 108 -25.00 12.12 -0.72
CA ARG B 108 -24.63 10.86 -1.33
C ARG B 108 -25.76 9.83 -1.22
N ASN B 109 -26.46 9.82 -0.09
CA ASN B 109 -27.61 8.92 0.05
C ASN B 109 -28.73 9.30 -0.91
N LYS B 110 -29.03 10.60 -1.01
CA LYS B 110 -30.12 11.03 -1.89
C LYS B 110 -29.80 10.71 -3.34
N LEU B 111 -28.59 11.03 -3.80
CA LEU B 111 -28.26 10.82 -5.20
C LEU B 111 -28.11 9.33 -5.53
N THR B 112 -27.58 8.54 -4.59
CA THR B 112 -27.44 7.11 -4.84
C THR B 112 -28.81 6.45 -4.99
N GLU B 113 -29.64 6.54 -3.95
CA GLU B 113 -30.94 5.88 -3.97
C GLU B 113 -31.78 6.32 -5.17
N HIS B 114 -31.66 7.59 -5.56
CA HIS B 114 -32.42 8.08 -6.70
C HIS B 114 -31.89 7.48 -8.00
N PHE B 115 -30.56 7.51 -8.18
CA PHE B 115 -29.97 7.13 -9.46
C PHE B 115 -29.72 5.64 -9.60
N ILE B 116 -29.72 4.88 -8.51
CA ILE B 116 -29.72 3.42 -8.63
C ILE B 116 -30.92 2.97 -9.45
N ILE B 117 -32.07 3.61 -9.24
CA ILE B 117 -33.31 3.23 -9.90
C ILE B 117 -33.44 3.87 -11.28
N THR B 118 -33.11 5.15 -11.39
CA THR B 118 -33.41 5.92 -12.59
C THR B 118 -32.34 5.86 -13.67
N LEU B 119 -31.10 5.48 -13.33
CA LEU B 119 -30.06 5.42 -14.34
C LEU B 119 -30.35 4.43 -15.47
N PRO B 120 -30.80 3.20 -15.20
CA PRO B 120 -31.13 2.30 -16.33
C PRO B 120 -32.28 2.81 -17.20
N MET B 121 -33.19 3.59 -16.63
CA MET B 121 -34.26 4.18 -17.43
C MET B 121 -33.71 5.26 -18.36
N LEU B 122 -32.82 6.12 -17.84
CA LEU B 122 -32.17 7.13 -18.68
C LEU B 122 -31.35 6.46 -19.78
N LEU B 123 -30.59 5.43 -19.43
CA LEU B 123 -29.81 4.70 -20.44
C LEU B 123 -30.71 4.09 -21.50
N SER B 124 -31.90 3.64 -21.11
CA SER B 124 -32.80 2.99 -22.06
C SER B 124 -33.40 3.99 -23.05
N LYS B 125 -33.79 5.17 -22.55
CA LYS B 125 -34.38 6.17 -23.42
C LYS B 125 -33.35 6.72 -24.40
N TYR B 126 -32.11 6.90 -23.95
CA TYR B 126 -31.09 7.49 -24.80
C TYR B 126 -29.98 6.49 -25.10
N SER B 127 -30.35 5.27 -25.47
CA SER B 127 -29.34 4.24 -25.70
C SER B 127 -28.61 4.42 -27.02
N ALA B 128 -29.28 5.00 -28.02
CA ALA B 128 -28.70 5.17 -29.35
C ALA B 128 -27.99 6.52 -29.51
N ASP B 129 -27.62 7.17 -28.40
CA ASP B 129 -26.95 8.46 -28.43
C ASP B 129 -25.59 8.31 -27.75
N ALA B 130 -24.52 8.44 -28.53
CA ALA B 130 -23.18 8.28 -27.99
C ALA B 130 -22.85 9.38 -26.98
N GLU B 131 -23.19 10.63 -27.31
CA GLU B 131 -22.89 11.74 -26.42
C GLU B 131 -23.55 11.56 -25.06
N LYS B 132 -24.85 11.28 -25.05
CA LYS B 132 -25.59 11.19 -23.79
C LYS B 132 -25.12 10.01 -22.95
N VAL B 133 -24.99 8.83 -23.57
CA VAL B 133 -24.59 7.64 -22.82
C VAL B 133 -23.25 7.86 -22.13
N ALA B 134 -22.26 8.37 -22.86
CA ALA B 134 -20.92 8.57 -22.30
C ALA B 134 -20.95 9.50 -21.10
N ASN B 135 -21.90 10.44 -21.05
CA ASN B 135 -22.03 11.32 -19.90
C ASN B 135 -22.77 10.65 -18.75
N LEU B 136 -23.79 9.83 -19.07
CA LEU B 136 -24.59 9.20 -18.02
C LEU B 136 -23.81 8.13 -17.27
N LEU B 137 -22.82 7.52 -17.91
CA LEU B 137 -22.05 6.46 -17.27
C LEU B 137 -21.00 6.98 -16.30
N GLN B 138 -20.87 8.30 -16.15
CA GLN B 138 -19.93 8.88 -15.20
C GLN B 138 -20.52 8.98 -13.79
N ILE B 139 -21.75 8.51 -13.58
CA ILE B 139 -22.47 8.67 -12.32
C ILE B 139 -22.15 7.57 -11.32
N PRO B 140 -22.06 6.27 -11.72
CA PRO B 140 -21.79 5.22 -10.74
C PRO B 140 -20.56 5.45 -9.86
N GLN B 141 -19.62 6.28 -10.32
CA GLN B 141 -18.42 6.56 -9.54
C GLN B 141 -18.76 7.16 -8.18
N TYR B 142 -19.82 7.96 -8.12
CA TYR B 142 -20.20 8.64 -6.89
C TYR B 142 -21.18 7.84 -6.04
N PHE B 143 -21.54 6.64 -6.46
CA PHE B 143 -22.48 5.81 -5.70
C PHE B 143 -21.82 5.26 -4.44
N ASP B 144 -22.66 4.96 -3.44
CA ASP B 144 -22.27 4.16 -2.29
C ASP B 144 -22.69 2.73 -2.59
N LEU B 145 -21.75 1.92 -3.07
CA LEU B 145 -22.09 0.60 -3.58
C LEU B 145 -22.55 -0.35 -2.47
N GLU B 146 -22.58 0.11 -1.21
CA GLU B 146 -23.13 -0.68 -0.13
C GLU B 146 -24.65 -0.76 -0.23
N ILE B 147 -25.28 0.33 -0.69
CA ILE B 147 -26.74 0.41 -0.73
C ILE B 147 -27.33 -0.61 -1.70
N TYR B 148 -26.56 -1.03 -2.71
CA TYR B 148 -27.06 -2.06 -3.62
C TYR B 148 -27.42 -3.34 -2.87
N SER B 149 -26.77 -3.62 -1.75
CA SER B 149 -27.09 -4.78 -0.94
C SER B 149 -27.75 -4.42 0.39
N THR B 150 -27.37 -3.29 0.99
CA THR B 150 -28.04 -2.83 2.20
C THR B 150 -29.53 -2.59 1.94
N GLY B 151 -29.85 -1.81 0.92
CA GLY B 151 -31.23 -1.60 0.55
C GLY B 151 -31.86 -2.73 -0.23
N ARG B 152 -31.14 -3.83 -0.41
CA ARG B 152 -31.63 -5.00 -1.16
C ARG B 152 -32.15 -4.61 -2.54
N MET B 153 -31.43 -3.69 -3.19
CA MET B 153 -31.80 -3.21 -4.52
C MET B 153 -31.00 -3.88 -5.63
N GLU B 154 -30.58 -5.14 -5.40
CA GLU B 154 -29.88 -5.89 -6.44
C GLU B 154 -30.73 -6.07 -7.68
N LYS B 155 -32.06 -5.94 -7.55
CA LYS B 155 -32.93 -6.01 -8.72
C LYS B 155 -32.58 -4.94 -9.75
N HIS B 156 -32.13 -3.76 -9.28
CA HIS B 156 -31.80 -2.67 -10.17
C HIS B 156 -30.37 -2.72 -10.69
N LEU B 157 -29.47 -3.44 -10.01
CA LEU B 157 -28.13 -3.66 -10.53
C LEU B 157 -28.17 -4.44 -11.84
N ASP B 158 -28.99 -5.49 -11.89
CA ASP B 158 -29.11 -6.28 -13.12
C ASP B 158 -29.72 -5.45 -14.25
N ALA B 159 -30.67 -4.59 -13.93
CA ALA B 159 -31.23 -3.69 -14.94
C ALA B 159 -30.15 -2.77 -15.50
N LEU B 160 -29.22 -2.34 -14.65
CA LEU B 160 -28.10 -1.52 -15.13
C LEU B 160 -27.17 -2.32 -16.01
N LEU B 161 -26.73 -3.49 -15.55
CA LEU B 161 -25.83 -4.32 -16.35
C LEU B 161 -26.49 -4.75 -17.66
N LYS B 162 -27.81 -4.90 -17.67
CA LYS B 162 -28.50 -5.24 -18.91
C LYS B 162 -28.46 -4.08 -19.89
N GLN B 163 -28.60 -2.84 -19.39
CA GLN B 163 -28.55 -1.69 -20.28
C GLN B 163 -27.13 -1.36 -20.71
N ILE B 164 -26.15 -1.60 -19.84
CA ILE B 164 -24.76 -1.48 -20.26
C ILE B 164 -24.44 -2.45 -21.39
N LYS B 165 -24.90 -3.69 -21.26
CA LYS B 165 -24.71 -4.67 -22.32
C LYS B 165 -25.40 -4.24 -23.61
N PHE B 166 -26.49 -3.50 -23.52
CA PHE B 166 -27.17 -2.99 -24.71
C PHE B 166 -26.35 -1.92 -25.41
N VAL B 167 -25.71 -1.04 -24.63
CA VAL B 167 -24.90 0.02 -25.22
C VAL B 167 -23.67 -0.55 -25.90
N VAL B 168 -23.08 -1.60 -25.32
CA VAL B 168 -21.86 -2.18 -25.90
C VAL B 168 -22.15 -2.74 -27.28
N GLU B 169 -23.24 -3.50 -27.42
CA GLU B 169 -23.54 -4.17 -28.67
C GLU B 169 -24.02 -3.20 -29.74
N LYS B 170 -24.39 -1.97 -29.39
CA LYS B 170 -24.97 -1.03 -30.34
C LYS B 170 -24.14 0.23 -30.53
N HIS B 171 -22.90 0.27 -30.02
CA HIS B 171 -22.05 1.43 -30.19
C HIS B 171 -20.60 0.99 -30.37
N VAL B 172 -19.89 1.68 -31.26
CA VAL B 172 -18.48 1.42 -31.52
C VAL B 172 -17.61 2.64 -31.28
N GLU B 173 -18.18 3.77 -30.87
CA GLU B 173 -17.39 4.95 -30.58
C GLU B 173 -16.38 4.67 -29.47
N SER B 174 -15.17 5.22 -29.63
CA SER B 174 -14.11 4.94 -28.67
C SER B 174 -14.39 5.55 -27.30
N ASP B 175 -15.07 6.70 -27.27
CA ASP B 175 -15.35 7.34 -25.98
C ASP B 175 -16.41 6.58 -25.20
N VAL B 176 -17.44 6.07 -25.89
CA VAL B 176 -18.49 5.31 -25.23
C VAL B 176 -17.92 4.02 -24.64
N LEU B 177 -17.15 3.28 -25.45
CA LEU B 177 -16.55 2.04 -24.96
C LEU B 177 -15.63 2.29 -23.78
N GLU B 178 -14.95 3.44 -23.75
CA GLU B 178 -14.11 3.77 -22.60
C GLU B 178 -14.95 3.93 -21.34
N ALA B 179 -16.10 4.62 -21.44
CA ALA B 179 -16.94 4.83 -20.27
C ALA B 179 -17.50 3.51 -19.74
N CYS B 180 -17.90 2.62 -20.66
CA CYS B 180 -18.42 1.31 -20.24
C CYS B 180 -17.37 0.50 -19.48
N SER B 181 -16.15 0.43 -20.04
CA SER B 181 -15.12 -0.39 -19.43
C SER B 181 -14.73 0.14 -18.06
N LYS B 182 -14.69 1.47 -17.89
CA LYS B 182 -14.36 2.04 -16.59
C LYS B 182 -15.49 1.83 -15.59
N THR B 183 -16.74 1.81 -16.05
CA THR B 183 -17.86 1.61 -15.14
C THR B 183 -17.88 0.20 -14.56
N TYR B 184 -17.67 -0.81 -15.43
CA TYR B 184 -17.64 -2.19 -14.96
C TYR B 184 -16.55 -2.42 -13.93
N SER B 185 -15.45 -1.67 -14.02
CA SER B 185 -14.39 -1.79 -13.01
C SER B 185 -14.81 -1.16 -11.70
N ILE B 186 -15.63 -0.11 -11.74
CA ILE B 186 -16.12 0.49 -10.51
C ILE B 186 -17.12 -0.45 -9.83
N LEU B 187 -17.96 -1.11 -10.62
CA LEU B 187 -18.92 -2.05 -10.07
C LEU B 187 -18.26 -3.33 -9.55
N CYS B 188 -17.05 -3.64 -10.00
CA CYS B 188 -16.28 -4.77 -9.47
C CYS B 188 -15.26 -4.33 -8.42
N SER B 189 -15.53 -3.22 -7.73
CA SER B 189 -14.59 -2.67 -6.76
C SER B 189 -14.27 -3.68 -5.66
N THR B 193 -19.73 -7.34 -1.64
CA THR B 193 -21.03 -8.01 -1.69
C THR B 193 -21.42 -8.31 -3.13
N ILE B 194 -21.46 -7.28 -3.96
CA ILE B 194 -21.98 -7.40 -5.33
C ILE B 194 -20.90 -7.80 -6.33
N GLN B 195 -19.66 -8.04 -5.87
CA GLN B 195 -18.58 -8.37 -6.79
C GLN B 195 -18.90 -9.60 -7.64
N ASN B 196 -19.53 -10.61 -7.03
CA ASN B 196 -19.78 -11.85 -7.75
C ASN B 196 -20.84 -11.65 -8.83
N ARG B 197 -21.92 -10.95 -8.50
CA ARG B 197 -23.04 -10.81 -9.45
C ARG B 197 -22.59 -10.09 -10.71
N VAL B 198 -21.69 -9.11 -10.58
CA VAL B 198 -21.24 -8.34 -11.74
C VAL B 198 -20.33 -9.18 -12.62
N ASP B 199 -19.48 -10.01 -12.01
CA ASP B 199 -18.54 -10.82 -12.77
C ASP B 199 -19.28 -11.76 -13.72
N ILE B 200 -20.29 -12.48 -13.20
CA ILE B 200 -21.08 -13.37 -14.05
C ILE B 200 -21.68 -12.59 -15.22
N ALA B 201 -22.19 -11.39 -14.95
CA ALA B 201 -22.70 -10.55 -16.03
C ALA B 201 -21.59 -10.09 -16.96
N ARG B 202 -20.38 -9.89 -16.42
CA ARG B 202 -19.26 -9.48 -17.25
C ARG B 202 -18.82 -10.61 -18.18
N SER B 203 -18.67 -11.83 -17.63
CA SER B 203 -18.26 -12.97 -18.44
C SER B 203 -19.27 -13.27 -19.53
N GLN B 204 -20.56 -13.03 -19.26
CA GLN B 204 -21.58 -13.19 -20.29
C GLN B 204 -21.31 -12.27 -21.47
N LEU B 205 -20.96 -11.00 -21.19
CA LEU B 205 -20.72 -10.03 -22.25
C LEU B 205 -19.43 -10.35 -22.99
N ILE B 206 -18.41 -10.83 -22.29
CA ILE B 206 -17.14 -11.15 -22.93
C ILE B 206 -17.29 -12.37 -23.84
N ASP B 207 -17.97 -13.41 -23.35
CA ASP B 207 -18.13 -14.63 -24.13
C ASP B 207 -18.85 -14.36 -25.45
N GLU B 208 -19.91 -13.55 -25.41
CA GLU B 208 -20.68 -13.30 -26.62
C GLU B 208 -19.90 -12.49 -27.65
N PHE B 209 -18.81 -11.83 -27.25
CA PHE B 209 -17.98 -11.07 -28.18
C PHE B 209 -16.66 -11.73 -28.51
N VAL B 210 -16.12 -12.57 -27.62
CA VAL B 210 -14.97 -13.39 -27.99
C VAL B 210 -15.36 -14.36 -29.11
N ASP B 211 -16.57 -14.90 -29.04
CA ASP B 211 -17.05 -15.78 -30.10
C ASP B 211 -17.24 -15.02 -31.40
N ARG B 212 -17.96 -13.90 -31.36
CA ARG B 212 -18.20 -13.10 -32.56
C ARG B 212 -16.92 -12.50 -33.14
N PHE B 213 -15.80 -12.59 -32.42
CA PHE B 213 -14.51 -12.14 -32.91
C PHE B 213 -13.67 -13.27 -33.49
N ASN B 214 -13.61 -14.42 -32.82
CA ASN B 214 -12.83 -15.54 -33.33
C ASN B 214 -13.39 -16.04 -34.65
N HIS B 215 -14.71 -16.23 -34.73
CA HIS B 215 -15.33 -16.71 -35.95
C HIS B 215 -15.36 -15.66 -37.05
N SER B 216 -15.20 -14.38 -36.70
CA SER B 216 -15.11 -13.35 -37.73
C SER B 216 -13.72 -13.30 -38.35
N VAL B 217 -12.70 -13.73 -37.62
CA VAL B 217 -11.34 -13.75 -38.17
C VAL B 217 -11.18 -14.87 -39.20
N GLU B 218 -11.88 -15.99 -39.01
CA GLU B 218 -11.76 -17.10 -39.95
C GLU B 218 -12.32 -16.77 -41.33
N ASP B 219 -13.23 -15.80 -41.44
CA ASP B 219 -13.70 -15.38 -42.74
C ASP B 219 -12.76 -14.39 -43.42
N LEU B 220 -11.95 -13.67 -42.65
CA LEU B 220 -10.99 -12.74 -43.22
C LEU B 220 -9.72 -13.41 -43.70
N LEU B 221 -9.39 -14.59 -43.15
CA LEU B 221 -8.16 -15.27 -43.51
C LEU B 221 -8.33 -16.05 -44.82
N GLN B 222 -9.43 -16.78 -44.95
CA GLN B 222 -9.67 -17.59 -46.14
C GLN B 222 -10.43 -16.79 -47.22
N ALA B 227 -11.51 -10.74 -49.55
CA ALA B 227 -12.01 -10.35 -48.23
C ALA B 227 -13.17 -9.35 -48.36
N ASP B 228 -14.36 -9.81 -48.01
CA ASP B 228 -15.56 -8.98 -48.08
C ASP B 228 -15.44 -7.79 -47.13
N ASP B 229 -15.97 -6.64 -47.56
CA ASP B 229 -15.92 -5.44 -46.74
C ASP B 229 -16.66 -5.63 -45.42
N ASP B 230 -17.75 -6.42 -45.43
CA ASP B 230 -18.46 -6.69 -44.18
C ASP B 230 -17.68 -7.65 -43.30
N ASP B 231 -16.93 -8.58 -43.89
CA ASP B 231 -16.05 -9.43 -43.09
C ASP B 231 -14.94 -8.63 -42.42
N ILE B 232 -14.57 -7.48 -43.01
CA ILE B 232 -13.60 -6.60 -42.37
C ILE B 232 -14.24 -5.91 -41.17
N TYR B 233 -15.43 -5.34 -41.36
CA TYR B 233 -16.12 -4.64 -40.28
C TYR B 233 -16.44 -5.57 -39.12
N ASN B 234 -16.65 -6.86 -39.39
CA ASN B 234 -16.93 -7.80 -38.32
C ASN B 234 -15.75 -7.93 -37.37
N VAL B 235 -14.53 -8.00 -37.91
CA VAL B 235 -13.34 -8.20 -37.07
C VAL B 235 -13.02 -6.93 -36.29
N LEU B 236 -13.23 -5.77 -36.91
CA LEU B 236 -12.91 -4.51 -36.24
C LEU B 236 -13.84 -4.25 -35.07
N SER B 237 -15.15 -4.34 -35.31
CA SER B 237 -16.12 -4.02 -34.26
C SER B 237 -15.99 -4.98 -33.08
N THR B 238 -15.84 -6.28 -33.35
CA THR B 238 -15.75 -7.24 -32.25
C THR B 238 -14.44 -7.10 -31.48
N LEU B 239 -13.38 -6.63 -32.12
CA LEU B 239 -12.08 -6.48 -31.46
C LEU B 239 -11.95 -5.14 -30.75
N LYS B 240 -12.55 -4.08 -31.30
CA LYS B 240 -12.47 -2.77 -30.67
C LYS B 240 -13.11 -2.79 -29.28
N ARG B 241 -14.21 -3.54 -29.13
CA ARG B 241 -14.85 -3.66 -27.82
C ARG B 241 -14.00 -4.49 -26.86
N LEU B 242 -13.44 -5.60 -27.33
CA LEU B 242 -12.60 -6.42 -26.48
C LEU B 242 -11.35 -5.67 -26.03
N THR B 243 -10.81 -4.82 -26.90
CA THR B 243 -9.59 -4.08 -26.57
C THR B 243 -9.83 -3.11 -25.41
N SER B 244 -10.92 -2.33 -25.50
CA SER B 244 -11.24 -1.38 -24.45
C SER B 244 -11.46 -2.07 -23.11
N PHE B 245 -12.10 -3.24 -23.13
CA PHE B 245 -12.37 -3.95 -21.89
C PHE B 245 -11.11 -4.59 -21.31
N HIS B 246 -10.20 -5.05 -22.18
CA HIS B 246 -8.98 -5.67 -21.69
C HIS B 246 -8.07 -4.67 -20.98
N ASN B 247 -8.23 -3.37 -21.25
CA ASN B 247 -7.42 -2.36 -20.57
C ASN B 247 -7.70 -2.34 -19.08
N ALA B 248 -8.98 -2.39 -18.70
CA ALA B 248 -9.38 -2.25 -17.30
C ALA B 248 -9.68 -3.56 -16.61
N HIS B 249 -9.87 -4.65 -17.36
CA HIS B 249 -10.25 -5.93 -16.77
C HIS B 249 -9.27 -7.02 -17.20
N ASP B 250 -8.87 -7.84 -16.23
CA ASP B 250 -7.95 -8.95 -16.49
C ASP B 250 -8.61 -10.03 -17.32
N LEU B 251 -8.58 -9.89 -18.64
CA LEU B 251 -9.17 -10.87 -19.56
C LEU B 251 -8.16 -11.95 -19.95
N THR B 252 -7.36 -12.43 -19.01
CA THR B 252 -6.32 -13.39 -19.32
C THR B 252 -6.86 -14.80 -19.52
N LYS B 253 -7.99 -15.14 -18.89
CA LYS B 253 -8.56 -16.47 -19.06
C LYS B 253 -8.95 -16.75 -20.51
N TRP B 254 -9.36 -15.72 -21.24
CA TRP B 254 -9.58 -15.86 -22.68
C TRP B 254 -8.25 -15.80 -23.43
N ASP B 255 -8.21 -16.45 -24.59
CA ASP B 255 -7.01 -16.50 -25.42
C ASP B 255 -7.11 -15.41 -26.50
N LEU B 256 -6.87 -14.17 -26.07
CA LEU B 256 -6.94 -13.04 -26.98
C LEU B 256 -5.64 -12.79 -27.73
N PHE B 257 -4.51 -13.22 -27.19
CA PHE B 257 -3.24 -13.06 -27.89
C PHE B 257 -3.21 -13.91 -29.16
N GLY B 258 -3.82 -15.09 -29.12
CA GLY B 258 -3.82 -16.01 -30.23
C GLY B 258 -4.26 -15.39 -31.55
N ASN B 259 -5.48 -14.86 -31.59
CA ASN B 259 -5.98 -14.27 -32.83
C ASN B 259 -5.40 -12.88 -33.10
N CYS B 260 -4.88 -12.20 -32.09
CA CYS B 260 -4.26 -10.89 -32.32
C CYS B 260 -2.91 -11.05 -33.00
N TYR B 261 -2.09 -12.00 -32.54
CA TYR B 261 -0.79 -12.24 -33.17
C TYR B 261 -0.98 -12.71 -34.61
N ARG B 262 -1.89 -13.67 -34.82
CA ARG B 262 -2.15 -14.14 -36.17
C ARG B 262 -2.67 -13.02 -37.06
N LEU B 263 -3.45 -12.09 -36.50
CA LEU B 263 -3.88 -10.93 -37.26
C LEU B 263 -2.70 -10.01 -37.59
N LEU B 264 -1.67 -9.99 -36.74
CA LEU B 264 -0.51 -9.16 -36.97
C LEU B 264 0.55 -9.87 -37.81
N LYS B 265 0.77 -11.16 -37.58
CA LYS B 265 1.79 -11.89 -38.32
C LYS B 265 1.40 -12.07 -39.79
N THR B 266 0.13 -11.87 -40.13
CA THR B 266 -0.30 -11.87 -41.52
C THR B 266 -0.51 -10.47 -42.07
N GLY B 267 -0.46 -9.45 -41.22
CA GLY B 267 -0.41 -8.08 -41.66
C GLY B 267 1.03 -7.66 -41.88
N ILE B 268 1.95 -8.46 -41.34
CA ILE B 268 3.38 -8.29 -41.58
C ILE B 268 3.83 -9.09 -42.80
N GLU B 269 3.40 -10.35 -42.89
CA GLU B 269 3.78 -11.18 -44.02
C GLU B 269 3.20 -10.66 -45.33
N HIS B 270 1.97 -10.16 -45.30
CA HIS B 270 1.27 -9.74 -46.51
C HIS B 270 1.00 -8.24 -46.58
N GLY B 271 0.92 -7.55 -45.45
CA GLY B 271 0.56 -6.15 -45.46
C GLY B 271 -0.86 -5.84 -45.88
N ALA B 272 -1.72 -6.86 -45.94
CA ALA B 272 -3.11 -6.71 -46.36
C ALA B 272 -4.04 -6.27 -45.23
N MET B 273 -3.53 -6.16 -44.00
CA MET B 273 -4.40 -5.83 -42.87
C MET B 273 -4.76 -4.35 -42.89
N PRO B 274 -6.00 -3.99 -42.56
CA PRO B 274 -6.39 -2.58 -42.51
C PRO B 274 -5.84 -1.87 -41.29
N GLU B 275 -5.77 -0.55 -41.41
CA GLU B 275 -5.04 0.26 -40.43
C GLU B 275 -5.65 0.14 -39.03
N GLN B 276 -6.97 0.27 -38.92
CA GLN B 276 -7.59 0.28 -37.60
C GLN B 276 -7.52 -1.07 -36.91
N ILE B 277 -7.60 -2.16 -37.67
CA ILE B 277 -7.51 -3.49 -37.07
C ILE B 277 -6.12 -3.70 -36.48
N VAL B 278 -5.08 -3.18 -37.13
CA VAL B 278 -3.73 -3.31 -36.61
C VAL B 278 -3.57 -2.49 -35.34
N VAL B 279 -4.16 -1.29 -35.30
CA VAL B 279 -4.07 -0.44 -34.12
C VAL B 279 -4.71 -1.13 -32.92
N GLN B 280 -5.85 -1.79 -33.14
CA GLN B 280 -6.55 -2.46 -32.04
C GLN B 280 -5.85 -3.75 -31.65
N ALA B 281 -5.40 -4.53 -32.63
CA ALA B 281 -4.69 -5.77 -32.32
C ALA B 281 -3.42 -5.51 -31.53
N LEU B 282 -2.66 -4.47 -31.93
CA LEU B 282 -1.48 -4.09 -31.16
C LEU B 282 -1.85 -3.59 -29.78
N GLN B 283 -2.91 -2.77 -29.69
CA GLN B 283 -3.31 -2.21 -28.41
C GLN B 283 -3.80 -3.30 -27.46
N CYS B 284 -4.59 -4.25 -27.98
CA CYS B 284 -5.09 -5.34 -27.14
C CYS B 284 -3.95 -6.18 -26.60
N SER B 285 -2.98 -6.53 -27.46
CA SER B 285 -1.88 -7.39 -27.03
C SER B 285 -1.02 -6.73 -25.97
N HIS B 286 -0.89 -5.40 -26.02
CA HIS B 286 -0.15 -4.68 -24.99
C HIS B 286 -0.80 -4.84 -23.63
N TYR B 287 -2.14 -4.78 -23.59
CA TYR B 287 -2.87 -4.94 -22.33
C TYR B 287 -2.80 -6.38 -21.83
N SER B 288 -2.85 -7.35 -22.76
CA SER B 288 -2.72 -8.75 -22.36
C SER B 288 -1.39 -9.02 -21.68
N ILE B 289 -0.30 -8.53 -22.26
CA ILE B 289 1.02 -8.74 -21.68
C ILE B 289 1.12 -8.06 -20.32
N LEU B 290 0.65 -6.82 -20.22
CA LEU B 290 0.69 -6.13 -18.94
C LEU B 290 -0.11 -6.86 -17.88
N TRP B 291 -1.27 -7.41 -18.25
CA TRP B 291 -2.06 -8.17 -17.28
C TRP B 291 -1.37 -9.46 -16.87
N GLN B 292 -0.76 -10.16 -17.84
CA GLN B 292 0.01 -11.36 -17.50
C GLN B 292 1.18 -11.02 -16.59
N LEU B 293 1.76 -9.83 -16.74
CA LEU B 293 2.90 -9.45 -15.88
C LEU B 293 2.45 -9.17 -14.46
N VAL B 294 1.20 -8.75 -14.26
CA VAL B 294 0.71 -8.44 -12.93
C VAL B 294 0.60 -9.71 -12.08
N LYS B 295 0.17 -10.81 -12.70
CA LYS B 295 0.05 -12.06 -11.94
C LYS B 295 1.40 -12.57 -11.47
N ILE B 296 2.42 -12.52 -12.33
CA ILE B 296 3.77 -12.89 -11.91
C ILE B 296 4.29 -11.90 -10.88
N THR B 297 3.93 -10.63 -11.00
CA THR B 297 4.40 -9.64 -10.04
C THR B 297 3.66 -9.77 -8.72
N ASP B 298 2.34 -9.97 -8.76
CA ASP B 298 1.52 -10.06 -7.57
C ASP B 298 1.54 -11.47 -6.98
N GLY B 299 2.75 -11.94 -6.68
CA GLY B 299 2.91 -13.24 -6.06
C GLY B 299 2.93 -14.40 -7.05
N SER B 300 2.98 -15.60 -6.47
CA SER B 300 2.94 -16.89 -7.16
C SER B 300 4.06 -17.01 -8.19
N PRO B 301 5.32 -17.09 -7.76
CA PRO B 301 6.44 -17.11 -8.69
C PRO B 301 6.72 -18.53 -9.18
N SER B 302 7.52 -18.61 -10.24
CA SER B 302 8.05 -19.88 -10.72
C SER B 302 9.08 -19.62 -11.81
N LYS B 303 9.95 -20.60 -12.02
CA LYS B 303 10.97 -20.48 -13.05
C LYS B 303 10.42 -20.75 -14.44
N GLU B 304 9.41 -21.63 -14.55
CA GLU B 304 8.80 -21.90 -15.85
C GLU B 304 8.03 -20.69 -16.37
N ASP B 305 7.26 -20.03 -15.50
CA ASP B 305 6.45 -18.90 -15.93
C ASP B 305 7.30 -17.76 -16.48
N LEU B 306 8.44 -17.49 -15.83
CA LEU B 306 9.31 -16.41 -16.30
C LEU B 306 9.79 -16.64 -17.73
N LEU B 307 10.05 -17.90 -18.09
CA LEU B 307 10.52 -18.20 -19.44
C LEU B 307 9.40 -18.12 -20.47
N VAL B 308 8.21 -18.65 -20.14
CA VAL B 308 7.10 -18.61 -21.10
C VAL B 308 6.64 -17.18 -21.34
N LEU B 309 6.74 -16.31 -20.34
CA LEU B 309 6.44 -14.90 -20.52
C LEU B 309 7.57 -14.18 -21.25
N ARG B 310 8.82 -14.58 -21.02
CA ARG B 310 9.94 -13.97 -21.71
C ARG B 310 9.82 -14.11 -23.22
N LYS B 311 9.48 -15.32 -23.69
CA LYS B 311 9.28 -15.52 -25.12
C LYS B 311 8.07 -14.72 -25.62
N THR B 312 7.02 -14.66 -24.81
CA THR B 312 5.82 -13.92 -25.22
C THR B 312 6.10 -12.44 -25.37
N VAL B 313 6.87 -11.87 -24.44
CA VAL B 313 7.21 -10.45 -24.52
C VAL B 313 8.13 -10.19 -25.71
N LYS B 314 9.12 -11.06 -25.91
CA LYS B 314 10.05 -10.89 -27.02
C LYS B 314 9.33 -10.98 -28.36
N SER B 315 8.36 -11.89 -28.48
CA SER B 315 7.61 -12.04 -29.73
C SER B 315 6.87 -10.75 -30.09
N PHE B 316 6.21 -10.15 -29.11
CA PHE B 316 5.44 -8.94 -29.38
C PHE B 316 6.36 -7.77 -29.72
N LEU B 317 7.49 -7.64 -29.01
CA LEU B 317 8.44 -6.57 -29.29
C LEU B 317 8.96 -6.64 -30.72
N ALA B 318 9.20 -7.85 -31.22
CA ALA B 318 9.61 -8.02 -32.61
C ALA B 318 8.53 -7.52 -33.56
N VAL B 319 7.27 -7.83 -33.27
CA VAL B 319 6.17 -7.39 -34.12
C VAL B 319 6.03 -5.87 -34.08
N CYS B 320 6.22 -5.28 -32.89
CA CYS B 320 6.15 -3.83 -32.79
C CYS B 320 7.27 -3.17 -33.59
N GLN B 321 8.45 -3.78 -33.58
CA GLN B 321 9.55 -3.29 -34.40
C GLN B 321 9.22 -3.42 -35.88
N GLN B 322 8.63 -4.54 -36.28
CA GLN B 322 8.26 -4.75 -37.68
C GLN B 322 7.17 -3.77 -38.10
N CYS B 323 6.22 -3.48 -37.22
CA CYS B 323 5.14 -2.55 -37.53
C CYS B 323 5.61 -1.11 -37.69
N LEU B 324 6.83 -0.80 -37.25
CA LEU B 324 7.37 0.54 -37.48
C LEU B 324 7.56 0.82 -38.97
N SER B 325 7.70 -0.21 -39.79
CA SER B 325 7.87 -0.07 -41.23
C SER B 325 6.56 -0.24 -41.99
N ASN B 326 5.43 -0.12 -41.30
CA ASN B 326 4.13 -0.23 -41.95
C ASN B 326 3.87 1.01 -42.80
N VAL B 327 3.08 0.84 -43.86
CA VAL B 327 2.84 1.94 -44.80
C VAL B 327 1.98 3.03 -44.16
N ASN B 328 1.04 2.64 -43.28
CA ASN B 328 0.13 3.61 -42.67
C ASN B 328 0.80 4.27 -41.46
N THR B 329 0.70 5.59 -41.39
CA THR B 329 1.29 6.32 -40.26
C THR B 329 0.66 5.96 -38.92
N PRO B 330 -0.66 5.82 -38.76
CA PRO B 330 -1.20 5.43 -37.45
C PRO B 330 -0.63 4.12 -36.92
N VAL B 331 -0.36 3.15 -37.80
CA VAL B 331 0.26 1.91 -37.35
C VAL B 331 1.67 2.18 -36.84
N LYS B 332 2.43 3.02 -37.56
CA LYS B 332 3.73 3.44 -37.05
C LYS B 332 3.59 4.16 -35.72
N GLU B 333 2.62 5.06 -35.62
CA GLU B 333 2.44 5.87 -34.41
C GLU B 333 2.09 4.99 -33.21
N GLN B 334 1.15 4.07 -33.39
CA GLN B 334 0.73 3.22 -32.27
C GLN B 334 1.84 2.29 -31.83
N ALA B 335 2.55 1.67 -32.78
CA ALA B 335 3.60 0.71 -32.43
C ALA B 335 4.75 1.38 -31.70
N PHE B 336 4.94 2.68 -31.91
CA PHE B 336 6.01 3.39 -31.21
C PHE B 336 5.68 3.55 -29.74
N MET B 337 4.45 3.94 -29.42
CA MET B 337 4.05 4.17 -28.03
C MET B 337 4.12 2.89 -27.21
N LEU B 338 3.77 1.76 -27.81
CA LEU B 338 3.83 0.49 -27.10
C LEU B 338 5.27 0.10 -26.80
N LEU B 339 6.18 0.35 -27.74
CA LEU B 339 7.59 0.02 -27.51
C LEU B 339 8.18 0.86 -26.38
N CYS B 340 7.90 2.17 -26.39
CA CYS B 340 8.41 3.03 -25.33
C CYS B 340 7.86 2.60 -23.97
N ASP B 341 6.59 2.20 -23.92
CA ASP B 341 5.99 1.78 -22.67
C ASP B 341 6.55 0.45 -22.19
N LEU B 342 6.67 -0.52 -23.10
CA LEU B 342 7.17 -1.84 -22.71
C LEU B 342 8.64 -1.78 -22.32
N LEU B 343 9.45 -1.03 -23.07
CA LEU B 343 10.88 -0.96 -22.76
C LEU B 343 11.14 -0.30 -21.41
N MET B 344 10.23 0.57 -20.96
CA MET B 344 10.36 1.16 -19.63
C MET B 344 9.84 0.23 -18.54
N ILE B 345 8.74 -0.48 -18.81
CA ILE B 345 8.20 -1.40 -17.83
C ILE B 345 9.13 -2.60 -17.66
N PHE B 346 9.65 -3.13 -18.75
CA PHE B 346 10.58 -4.26 -18.70
C PHE B 346 12.03 -3.78 -18.74
N SER B 347 12.36 -2.81 -17.91
CA SER B 347 13.70 -2.26 -17.83
C SER B 347 14.35 -2.68 -16.50
N HIS B 348 15.50 -2.09 -16.21
CA HIS B 348 16.16 -2.33 -14.93
C HIS B 348 15.38 -1.77 -13.75
N GLN B 349 14.49 -0.80 -13.99
CA GLN B 349 13.63 -0.30 -12.92
C GLN B 349 12.61 -1.34 -12.48
N LEU B 350 12.34 -2.33 -13.33
CA LEU B 350 11.40 -3.39 -12.98
C LEU B 350 11.88 -4.21 -11.79
N MET B 351 13.19 -4.38 -11.64
CA MET B 351 13.79 -5.15 -10.56
C MET B 351 13.80 -4.41 -9.23
N THR B 352 13.57 -3.10 -9.22
CA THR B 352 13.64 -2.34 -7.98
C THR B 352 12.59 -2.84 -6.99
N GLY B 353 12.96 -2.88 -5.71
CA GLY B 353 12.10 -3.40 -4.68
C GLY B 353 12.40 -4.80 -4.24
N GLY B 354 13.62 -5.28 -4.41
CA GLY B 354 13.98 -6.63 -4.03
C GLY B 354 13.48 -7.71 -4.95
N ARG B 355 13.02 -7.37 -6.14
CA ARG B 355 12.53 -8.37 -7.11
C ARG B 355 13.60 -8.66 -8.16
N GLU B 356 14.78 -9.06 -7.69
CA GLU B 356 15.88 -9.40 -8.58
C GLU B 356 15.62 -10.67 -9.38
N GLY B 357 14.70 -11.51 -8.92
CA GLY B 357 14.37 -12.75 -9.60
C GLY B 357 13.57 -12.56 -10.87
N LEU B 358 13.80 -11.44 -11.56
CA LEU B 358 13.13 -11.10 -12.80
C LEU B 358 14.13 -10.87 -13.93
N GLN B 359 15.29 -11.52 -13.84
CA GLN B 359 16.32 -11.38 -14.88
C GLN B 359 15.85 -11.70 -16.29
N PRO B 360 15.08 -12.78 -16.55
CA PRO B 360 14.64 -13.01 -17.94
C PRO B 360 13.73 -11.92 -18.47
N LEU B 361 12.81 -11.42 -17.65
CA LEU B 361 11.83 -10.45 -18.13
C LEU B 361 12.47 -9.10 -18.47
N VAL B 362 13.68 -8.82 -17.99
CA VAL B 362 14.34 -7.57 -18.32
C VAL B 362 14.70 -7.56 -19.80
N PHE B 363 14.20 -6.56 -20.53
CA PHE B 363 14.48 -6.40 -21.95
C PHE B 363 15.20 -5.08 -22.17
N ASN B 364 16.46 -5.16 -22.58
CA ASN B 364 17.21 -3.98 -22.96
C ASN B 364 17.27 -3.87 -24.47
N PRO B 365 16.99 -2.69 -25.04
CA PRO B 365 16.95 -2.58 -26.50
C PRO B 365 18.35 -2.64 -27.11
N ASP B 366 18.49 -3.46 -28.15
CA ASP B 366 19.74 -3.46 -28.90
C ASP B 366 19.87 -2.19 -29.72
N THR B 367 21.10 -1.89 -30.14
CA THR B 367 21.35 -0.68 -30.92
C THR B 367 20.63 -0.69 -32.26
N GLY B 368 20.27 -1.87 -32.76
CA GLY B 368 19.48 -1.93 -33.98
C GLY B 368 18.06 -1.42 -33.77
N LEU B 369 17.47 -1.74 -32.61
CA LEU B 369 16.14 -1.25 -32.28
C LEU B 369 16.18 0.20 -31.84
N GLN B 370 17.21 0.58 -31.05
CA GLN B 370 17.39 1.96 -30.67
C GLN B 370 17.50 2.88 -31.88
N SER B 371 18.07 2.36 -32.98
CA SER B 371 18.14 3.15 -34.21
C SER B 371 16.76 3.30 -34.85
N GLU B 372 15.95 2.24 -34.79
CA GLU B 372 14.60 2.32 -35.35
C GLU B 372 13.72 3.28 -34.56
N LEU B 373 13.87 3.28 -33.23
CA LEU B 373 13.12 4.21 -32.40
C LEU B 373 13.53 5.65 -32.69
N LEU B 374 14.84 5.91 -32.76
CA LEU B 374 15.32 7.24 -33.06
C LEU B 374 14.88 7.69 -34.44
N SER B 375 14.84 6.76 -35.40
CA SER B 375 14.41 7.11 -36.75
C SER B 375 12.95 7.54 -36.79
N PHE B 376 12.11 6.97 -35.93
CA PHE B 376 10.71 7.38 -35.90
C PHE B 376 10.55 8.80 -35.35
N VAL B 377 11.35 9.16 -34.35
CA VAL B 377 11.27 10.50 -33.79
C VAL B 377 11.65 11.55 -34.82
N MET B 378 12.51 11.17 -35.78
CA MET B 378 12.98 12.13 -36.77
C MET B 378 11.94 12.40 -37.86
N ASP B 379 11.13 11.41 -38.18
CA ASP B 379 10.16 11.55 -39.27
C ASP B 379 8.77 11.95 -38.81
N HIS B 380 8.44 11.73 -37.53
CA HIS B 380 7.09 11.94 -37.04
C HIS B 380 6.99 12.91 -35.87
N VAL B 381 8.10 13.30 -35.25
CA VAL B 381 8.10 14.28 -34.19
C VAL B 381 8.70 15.60 -34.65
N PHE B 382 9.87 15.54 -35.27
CA PHE B 382 10.55 16.72 -35.82
C PHE B 382 10.20 16.79 -37.30
N ILE B 383 9.20 17.60 -37.64
CA ILE B 383 8.66 17.67 -39.00
C ILE B 383 8.68 19.12 -39.45
N ASP B 384 8.16 19.34 -40.66
CA ASP B 384 8.25 20.66 -41.30
C ASP B 384 7.39 21.68 -40.56
N GLN B 385 7.99 22.85 -40.30
CA GLN B 385 7.32 23.92 -39.59
C GLN B 385 6.11 24.43 -40.37
N ASP B 398 -10.50 23.81 -38.34
CA ASP B 398 -9.58 24.83 -38.83
C ASP B 398 -8.16 24.57 -38.33
N GLU B 399 -7.83 25.17 -37.19
CA GLU B 399 -6.56 24.94 -36.52
C GLU B 399 -6.70 24.05 -35.29
N ALA B 400 -7.92 23.72 -34.87
CA ALA B 400 -8.12 22.86 -33.71
C ALA B 400 -7.61 21.45 -33.95
N ASN B 401 -7.50 21.04 -35.22
CA ASN B 401 -6.94 19.74 -35.55
C ASN B 401 -5.43 19.78 -35.67
N LYS B 402 -4.86 20.97 -35.92
CA LYS B 402 -3.40 21.12 -35.93
C LYS B 402 -2.83 21.17 -34.52
N ILE B 403 -3.58 21.72 -33.57
CA ILE B 403 -3.19 21.64 -32.16
C ILE B 403 -3.45 20.24 -31.61
N GLU B 404 -4.38 19.49 -32.22
CA GLU B 404 -4.56 18.09 -31.86
C GLU B 404 -3.31 17.29 -32.18
N ALA B 405 -2.72 17.52 -33.36
CA ALA B 405 -1.52 16.79 -33.74
C ALA B 405 -0.31 17.27 -32.95
N LEU B 406 -0.31 18.53 -32.52
CA LEU B 406 0.81 19.04 -31.73
C LEU B 406 0.93 18.28 -30.41
N HIS B 407 -0.20 18.05 -29.73
CA HIS B 407 -0.17 17.24 -28.51
C HIS B 407 0.10 15.78 -28.82
N LYS B 408 -0.41 15.30 -29.96
CA LYS B 408 -0.07 13.95 -30.41
C LYS B 408 1.44 13.78 -30.55
N ARG B 409 2.12 14.78 -31.11
CA ARG B 409 3.56 14.68 -31.31
C ARG B 409 4.33 14.85 -30.00
N ARG B 410 3.83 15.69 -29.09
CA ARG B 410 4.51 15.88 -27.82
C ARG B 410 4.48 14.62 -26.97
N ASN B 411 3.41 13.84 -27.06
CA ASN B 411 3.35 12.59 -26.31
C ASN B 411 4.37 11.59 -26.84
N LEU B 412 4.56 11.54 -28.16
CA LEU B 412 5.57 10.65 -28.73
C LEU B 412 6.97 11.05 -28.29
N LEU B 413 7.26 12.35 -28.32
CA LEU B 413 8.58 12.82 -27.91
C LEU B 413 8.83 12.58 -26.43
N ALA B 414 7.83 12.83 -25.59
CA ALA B 414 7.98 12.59 -24.17
C ALA B 414 8.17 11.10 -23.89
N ALA B 415 7.57 10.24 -24.71
CA ALA B 415 7.75 8.81 -24.55
C ALA B 415 9.19 8.40 -24.84
N PHE B 416 9.81 9.02 -25.85
CA PHE B 416 11.21 8.74 -26.14
C PHE B 416 12.12 9.38 -25.09
N SER B 417 11.73 10.56 -24.60
CA SER B 417 12.51 11.23 -23.55
C SER B 417 12.57 10.38 -22.28
N LYS B 418 11.55 9.57 -22.02
CA LYS B 418 11.60 8.67 -20.88
C LYS B 418 12.75 7.69 -21.00
N LEU B 419 12.94 7.12 -22.20
CA LEU B 419 14.03 6.18 -22.42
C LEU B 419 15.39 6.85 -22.23
N ILE B 420 15.49 8.14 -22.55
CA ILE B 420 16.76 8.85 -22.41
C ILE B 420 17.12 9.01 -20.94
N ILE B 421 16.15 9.39 -20.12
CA ILE B 421 16.43 9.69 -18.71
C ILE B 421 16.88 8.44 -17.98
N TYR B 422 16.33 7.28 -18.34
CA TYR B 422 16.59 6.04 -17.63
C TYR B 422 17.65 5.18 -18.32
N ASP B 423 18.45 5.77 -19.21
CA ASP B 423 19.58 5.10 -19.86
C ASP B 423 19.13 3.79 -20.52
N ILE B 424 18.04 3.88 -21.28
CA ILE B 424 17.48 2.72 -21.97
C ILE B 424 17.95 2.73 -23.42
N VAL B 425 18.24 3.93 -23.95
CA VAL B 425 18.76 4.09 -25.30
C VAL B 425 20.18 4.66 -25.22
N ASP B 426 20.91 4.47 -26.31
CA ASP B 426 22.28 4.96 -26.41
C ASP B 426 22.33 6.48 -26.24
N MET B 427 23.42 6.96 -25.63
CA MET B 427 23.50 8.36 -25.27
C MET B 427 23.81 9.24 -26.48
N HIS B 428 24.30 8.64 -27.57
CA HIS B 428 24.48 9.40 -28.80
C HIS B 428 23.14 9.75 -29.41
N ALA B 429 22.12 8.92 -29.17
CA ALA B 429 20.77 9.20 -29.63
C ALA B 429 20.17 10.35 -28.83
N ALA B 430 20.43 10.40 -27.53
CA ALA B 430 19.94 11.51 -26.71
C ALA B 430 20.48 12.83 -27.24
N ALA B 431 21.71 12.82 -27.74
CA ALA B 431 22.31 14.02 -28.33
C ALA B 431 21.53 14.49 -29.54
N ASP B 432 21.04 13.55 -30.36
CA ASP B 432 20.31 13.93 -31.57
C ASP B 432 19.08 14.76 -31.25
N ILE B 433 18.41 14.44 -30.14
CA ILE B 433 17.27 15.25 -29.72
C ILE B 433 17.75 16.64 -29.33
N PHE B 434 18.90 16.71 -28.66
CA PHE B 434 19.44 17.98 -28.18
C PHE B 434 19.76 18.92 -29.34
N LYS B 435 20.21 18.38 -30.48
CA LYS B 435 20.54 19.22 -31.63
C LYS B 435 19.31 19.97 -32.13
N HIS B 436 18.12 19.45 -31.89
CA HIS B 436 16.89 20.08 -32.33
C HIS B 436 16.39 21.12 -31.35
N TYR B 437 16.92 21.13 -30.13
CA TYR B 437 16.46 22.04 -29.09
C TYR B 437 16.30 23.47 -29.59
N MET B 438 17.32 24.02 -30.25
CA MET B 438 17.24 25.41 -30.67
C MET B 438 16.25 25.63 -31.80
N LYS B 439 16.11 24.67 -32.71
CA LYS B 439 15.21 24.86 -33.84
C LYS B 439 13.76 24.57 -33.48
N TYR B 440 13.52 23.66 -32.54
CA TYR B 440 12.19 23.25 -32.12
C TYR B 440 11.88 23.73 -30.71
N TYR B 441 12.66 24.71 -30.23
CA TYR B 441 12.46 25.30 -28.91
C TYR B 441 11.05 25.80 -28.65
N ASN B 442 10.35 26.26 -29.68
CA ASN B 442 9.04 26.86 -29.44
C ASN B 442 7.92 25.82 -29.30
N ASP B 443 8.06 24.67 -29.97
CA ASP B 443 7.01 23.67 -29.89
C ASP B 443 7.31 22.62 -28.84
N TYR B 444 8.55 22.14 -28.76
CA TYR B 444 8.93 21.06 -27.86
C TYR B 444 9.99 21.48 -26.84
N GLY B 445 10.18 22.78 -26.62
CA GLY B 445 11.28 23.24 -25.78
C GLY B 445 11.25 22.70 -24.36
N ASP B 446 10.07 22.73 -23.73
CA ASP B 446 9.97 22.30 -22.33
C ASP B 446 10.25 20.81 -22.18
N ILE B 447 9.84 20.00 -23.15
CA ILE B 447 10.10 18.55 -23.08
C ILE B 447 11.60 18.29 -23.12
N ILE B 448 12.31 18.97 -24.02
CA ILE B 448 13.74 18.73 -24.15
C ILE B 448 14.47 19.25 -22.91
N LYS B 449 14.06 20.42 -22.41
CA LYS B 449 14.71 20.95 -21.20
C LYS B 449 14.49 20.04 -20.00
N GLU B 450 13.33 19.39 -19.91
CA GLU B 450 13.04 18.54 -18.76
C GLU B 450 13.89 17.28 -18.78
N THR B 451 13.99 16.62 -19.93
CA THR B 451 14.83 15.42 -20.02
C THR B 451 16.31 15.79 -19.91
N LEU B 452 16.69 16.98 -20.40
CA LEU B 452 18.08 17.41 -20.32
C LEU B 452 18.49 17.62 -18.87
N SER B 453 17.59 18.12 -18.02
CA SER B 453 17.93 18.37 -16.63
C SER B 453 18.10 17.07 -15.84
N LYS B 454 17.18 16.12 -16.03
CA LYS B 454 17.16 14.89 -15.24
C LYS B 454 18.17 13.83 -15.72
N THR B 455 19.24 14.21 -16.39
CA THR B 455 20.25 13.24 -16.79
C THR B 455 21.62 13.59 -16.23
N GLY C 13 0.73 19.96 -19.59
CA GLY C 13 1.52 19.82 -18.38
C GLY C 13 2.70 18.89 -18.56
N VAL C 14 3.91 19.45 -18.43
CA VAL C 14 5.12 18.63 -18.58
C VAL C 14 5.30 17.70 -17.39
N GLU C 15 4.82 18.10 -16.21
CA GLU C 15 4.87 17.21 -15.05
C GLU C 15 4.04 15.96 -15.27
N LYS C 16 2.85 16.11 -15.86
CA LYS C 16 1.98 14.97 -16.13
C LYS C 16 2.50 14.10 -17.27
N LEU C 17 3.24 14.69 -18.22
CA LEU C 17 3.70 13.92 -19.38
C LEU C 17 4.75 12.90 -18.99
N PHE C 18 5.67 13.26 -18.11
CA PHE C 18 6.74 12.36 -17.70
C PHE C 18 6.32 11.42 -16.59
N SER C 19 5.08 11.50 -16.10
CA SER C 19 4.60 10.64 -15.05
C SER C 19 3.67 9.53 -15.54
N LEU C 20 3.11 9.67 -16.74
CA LEU C 20 2.15 8.72 -17.27
C LEU C 20 2.66 8.10 -18.57
N PRO C 21 2.30 6.86 -18.87
CA PRO C 21 2.79 6.22 -20.09
C PRO C 21 2.19 6.84 -21.34
N ALA C 22 2.73 6.42 -22.48
CA ALA C 22 2.25 6.94 -23.76
C ALA C 22 0.86 6.42 -24.07
N GLN C 23 0.63 5.13 -23.84
CA GLN C 23 -0.70 4.56 -23.95
C GLN C 23 -1.35 4.57 -22.57
N PRO C 24 -2.51 5.22 -22.39
CA PRO C 24 -3.06 5.38 -21.04
C PRO C 24 -3.59 4.06 -20.50
N LEU C 25 -3.20 3.74 -19.27
CA LEU C 25 -3.64 2.53 -18.59
C LEU C 25 -4.77 2.89 -17.62
N TRP C 26 -5.95 2.34 -17.87
CA TRP C 26 -7.12 2.71 -17.07
C TRP C 26 -7.13 1.99 -15.72
N ASN C 27 -6.66 0.75 -15.67
CA ASN C 27 -6.65 0.00 -14.42
C ASN C 27 -5.40 0.35 -13.62
N ASN C 28 -5.58 0.58 -12.32
CA ASN C 28 -4.48 1.03 -11.48
C ASN C 28 -3.41 -0.05 -11.32
N ARG C 29 -3.79 -1.33 -11.36
CA ARG C 29 -2.81 -2.39 -11.24
C ARG C 29 -1.86 -2.40 -12.44
N LEU C 30 -2.39 -2.16 -13.64
CA LEU C 30 -1.53 -2.01 -14.80
C LEU C 30 -0.70 -0.74 -14.73
N LEU C 31 -1.32 0.38 -14.35
CA LEU C 31 -0.59 1.64 -14.24
C LEU C 31 0.48 1.59 -13.16
N LYS C 32 0.34 0.72 -12.16
CA LYS C 32 1.38 0.59 -11.14
C LYS C 32 2.69 0.12 -11.74
N LEU C 33 2.63 -0.71 -12.79
CA LEU C 33 3.85 -1.21 -13.41
C LEU C 33 4.69 -0.07 -14.00
N PHE C 34 4.04 0.91 -14.62
CA PHE C 34 4.76 2.02 -15.23
C PHE C 34 5.13 3.09 -14.21
N THR C 35 4.35 3.24 -13.15
CA THR C 35 4.60 4.31 -12.19
C THR C 35 5.69 3.95 -11.19
N ARG C 36 5.77 2.68 -10.79
CA ARG C 36 6.82 2.28 -9.85
C ARG C 36 8.22 2.36 -10.47
N CYS C 37 8.31 2.47 -11.79
CA CYS C 37 9.58 2.59 -12.49
C CYS C 37 10.03 4.04 -12.65
N LEU C 38 9.48 4.97 -11.85
CA LEU C 38 9.81 6.38 -12.00
C LEU C 38 10.79 6.83 -10.93
N THR C 39 10.58 8.04 -10.39
CA THR C 39 11.49 8.59 -9.40
C THR C 39 11.26 8.01 -8.01
N GLY D 13 20.28 -15.30 9.61
CA GLY D 13 21.58 -15.01 10.21
C GLY D 13 22.02 -13.57 10.00
N VAL D 14 23.06 -13.37 9.20
CA VAL D 14 23.55 -12.03 8.93
C VAL D 14 22.58 -11.25 8.04
N GLU D 15 21.82 -11.96 7.20
CA GLU D 15 20.82 -11.30 6.38
C GLU D 15 19.79 -10.58 7.24
N LYS D 16 19.40 -11.21 8.35
CA LYS D 16 18.46 -10.56 9.26
C LYS D 16 19.09 -9.39 9.98
N LEU D 17 20.41 -9.45 10.22
CA LEU D 17 21.09 -8.36 10.91
C LEU D 17 21.25 -7.13 10.02
N PHE D 18 21.58 -7.33 8.76
CA PHE D 18 21.80 -6.23 7.83
C PHE D 18 20.51 -5.70 7.22
N SER D 19 19.36 -6.29 7.55
CA SER D 19 18.07 -5.81 7.05
C SER D 19 17.24 -5.09 8.11
N LEU D 20 17.56 -5.26 9.40
CA LEU D 20 16.80 -4.68 10.49
C LEU D 20 17.70 -3.78 11.32
N PRO D 21 17.14 -2.73 11.93
CA PRO D 21 17.96 -1.80 12.72
C PRO D 21 18.46 -2.45 14.00
N ALA D 22 19.35 -1.72 14.68
CA ALA D 22 19.90 -2.22 15.94
C ALA D 22 18.87 -2.19 17.05
N GLN D 23 18.09 -1.11 17.13
CA GLN D 23 16.97 -1.03 18.05
C GLN D 23 15.70 -1.48 17.33
N PRO D 24 15.01 -2.51 17.81
CA PRO D 24 13.86 -3.04 17.05
C PRO D 24 12.69 -2.07 17.11
N LEU D 25 12.12 -1.79 15.95
CA LEU D 25 10.95 -0.91 15.83
C LEU D 25 9.71 -1.76 15.69
N TRP D 26 8.79 -1.64 16.66
CA TRP D 26 7.60 -2.49 16.69
C TRP D 26 6.55 -2.04 15.69
N ASN D 27 6.43 -0.74 15.48
CA ASN D 27 5.44 -0.20 14.55
C ASN D 27 6.03 -0.21 13.13
N ASN D 28 5.23 -0.68 12.17
CA ASN D 28 5.73 -0.83 10.81
C ASN D 28 6.01 0.51 10.14
N ARG D 29 5.29 1.56 10.51
CA ARG D 29 5.54 2.88 9.93
C ARG D 29 6.91 3.41 10.34
N LEU D 30 7.32 3.18 11.59
CA LEU D 30 8.66 3.56 12.01
C LEU D 30 9.71 2.71 11.31
N LEU D 31 9.48 1.39 11.24
CA LEU D 31 10.44 0.49 10.61
C LEU D 31 10.63 0.77 9.13
N LYS D 32 9.65 1.37 8.46
CA LYS D 32 9.81 1.73 7.06
C LYS D 32 10.94 2.74 6.85
N LEU D 33 11.17 3.61 7.84
CA LEU D 33 12.23 4.60 7.71
C LEU D 33 13.60 3.94 7.55
N PHE D 34 13.84 2.86 8.28
CA PHE D 34 15.12 2.17 8.18
C PHE D 34 15.21 1.28 6.95
N THR D 35 14.07 0.77 6.48
CA THR D 35 14.07 -0.14 5.33
C THR D 35 14.13 0.62 4.01
N ARG D 36 13.55 1.82 3.96
CA ARG D 36 13.60 2.62 2.74
C ARG D 36 15.02 3.05 2.39
N CYS D 37 15.95 3.01 3.35
CA CYS D 37 17.34 3.33 3.12
C CYS D 37 18.18 2.10 2.75
N LEU D 38 17.53 0.98 2.46
CA LEU D 38 18.24 -0.26 2.16
C LEU D 38 18.15 -0.61 0.67
N THR D 39 17.92 -1.89 0.38
CA THR D 39 17.84 -2.40 -0.98
C THR D 39 19.10 -2.08 -1.79
#